data_7SKU
#
_entry.id   7SKU
#
_cell.length_a   70.114
_cell.length_b   96.471
_cell.length_c   119.972
_cell.angle_alpha   90
_cell.angle_beta   90
_cell.angle_gamma   90
#
_symmetry.space_group_name_H-M   'P 21 21 21'
#
loop_
_entity.id
_entity.type
_entity.pdbx_description
1 polymer 'Matrix protein'
2 non-polymer '[(2R)-2-octanoyloxy-3-[oxidanyl-[(1R,2R,3S,4R,5R,6S)-2,3,6-tris(oxidanyl)-4,5-diphosphonooxy-cyclohexyl]oxy-phosphoryl]oxy-propyl] octanoate'
3 non-polymer 'SULFATE ION'
4 water water
#
_entity_poly.entity_id   1
_entity_poly.type   'polypeptide(L)'
_entity_poly.pdbx_seq_one_letter_code
;MAGWSHPQFEKGGGSGGGSGGGSWSHPQFEKGGSDDDDKSGGEPDIKSISSESMEGVSDFSPSSWEHGGYLDKVEPEIDE
NGSMIPKYKIYTPGANERKYNNYMYLICYGFVEDVERTPETGKRKKIRTIAAYPLGVGKSASHPQDLLEELCSLKVTVRR
TAGSTEKIVFGSSGPLNHLVPWKKVLTSGSIFNAVKVCRNVDQIQLDKHQALRIFFLSITKLNDSGIYMIPRTMLEFRRN
NAIAFNLLVYLKIDADLSKMGIQGSLDKDGFKVASFMLHLGNFVRRAGKYYSVDYCRRKIDRMKLQFSLGSIGGLSLHIK
INGVISKRLFAQMGFQKNLCFSLMDINPWLNRLTWNNSCEISRVAAVLQPSIPREFMIYDDVFIDNTGRILKG
;
_entity_poly.pdbx_strand_id   A,B
#
loop_
_chem_comp.id
_chem_comp.type
_chem_comp.name
_chem_comp.formula
PIO non-polymer '[(2R)-2-octanoyloxy-3-[oxidanyl-[(1R,2R,3S,4R,5R,6S)-2,3,6-tris(oxidanyl)-4,5-diphosphonooxy-cyclohexyl]oxy-phosphoryl]oxy-propyl] octanoate' 'C25 H49 O19 P3'
SO4 non-polymer 'SULFATE ION' 'O4 S -2'
#
# COMPACT_ATOMS: atom_id res chain seq x y z
N VAL A 57 -9.71 -20.83 15.76
CA VAL A 57 -10.56 -20.19 14.75
C VAL A 57 -12.05 -20.37 15.09
N SER A 58 -12.66 -19.37 15.77
CA SER A 58 -14.06 -19.46 16.15
C SER A 58 -14.83 -18.24 15.66
N ASP A 59 -15.94 -18.50 14.99
CA ASP A 59 -16.78 -17.44 14.46
C ASP A 59 -17.61 -16.72 15.49
N PHE A 60 -17.72 -15.38 15.33
CA PHE A 60 -18.62 -14.57 16.13
C PHE A 60 -20.01 -14.75 15.52
N SER A 61 -21.04 -14.54 16.33
CA SER A 61 -22.43 -14.65 15.88
C SER A 61 -22.79 -13.48 14.92
N PRO A 62 -23.66 -13.66 13.88
CA PRO A 62 -23.99 -12.51 13.01
C PRO A 62 -24.60 -11.29 13.71
N SER A 63 -25.21 -11.47 14.88
CA SER A 63 -25.78 -10.37 15.65
C SER A 63 -24.70 -9.35 16.04
N SER A 64 -23.43 -9.79 16.20
CA SER A 64 -22.32 -8.92 16.57
C SER A 64 -21.99 -7.87 15.50
N TRP A 65 -22.48 -8.01 14.25
CA TRP A 65 -22.24 -7.00 13.22
C TRP A 65 -23.54 -6.50 12.54
N GLU A 66 -24.72 -6.98 12.96
CA GLU A 66 -26.01 -6.61 12.34
C GLU A 66 -26.32 -5.11 12.35
N HIS A 67 -26.22 -4.45 13.51
CA HIS A 67 -26.59 -3.05 13.62
C HIS A 67 -25.77 -2.10 12.70
N GLY A 68 -24.45 -2.02 12.87
CA GLY A 68 -23.64 -1.09 12.10
C GLY A 68 -22.66 -1.64 11.10
N GLY A 69 -22.80 -2.92 10.72
CA GLY A 69 -21.88 -3.54 9.78
C GLY A 69 -22.05 -3.19 8.32
N TYR A 70 -22.73 -2.09 7.99
CA TYR A 70 -22.99 -1.74 6.60
C TYR A 70 -22.52 -0.33 6.29
N LEU A 71 -21.86 -0.12 5.14
CA LEU A 71 -21.43 1.19 4.69
C LEU A 71 -22.06 1.40 3.33
N ASP A 72 -22.85 2.45 3.18
CA ASP A 72 -23.58 2.71 1.95
C ASP A 72 -22.68 3.09 0.80
N LYS A 73 -23.13 2.77 -0.39
CA LYS A 73 -22.44 3.12 -1.63
C LYS A 73 -22.40 4.66 -1.75
N VAL A 74 -21.26 5.22 -2.14
CA VAL A 74 -21.14 6.65 -2.37
C VAL A 74 -21.71 6.89 -3.76
N GLU A 75 -22.78 7.67 -3.86
CA GLU A 75 -23.40 7.97 -5.14
C GLU A 75 -24.04 9.33 -5.17
N PRO A 76 -24.05 10.00 -6.33
CA PRO A 76 -24.72 11.30 -6.40
C PRO A 76 -26.23 11.15 -6.45
N GLU A 77 -26.93 12.19 -6.00
CA GLU A 77 -28.39 12.22 -6.02
C GLU A 77 -28.86 13.34 -6.94
N ILE A 78 -30.07 13.19 -7.48
CA ILE A 78 -30.68 14.19 -8.33
C ILE A 78 -31.98 14.70 -7.71
N ASP A 79 -32.36 15.92 -8.07
CA ASP A 79 -33.64 16.48 -7.64
C ASP A 79 -34.76 16.03 -8.63
N GLU A 80 -36.00 16.47 -8.41
CA GLU A 80 -37.14 16.12 -9.25
CA GLU A 80 -37.14 16.11 -9.26
C GLU A 80 -36.96 16.50 -10.74
N ASN A 81 -35.99 17.39 -11.06
CA ASN A 81 -35.72 17.82 -12.43
C ASN A 81 -34.37 17.30 -13.00
N GLY A 82 -33.79 16.28 -12.37
CA GLY A 82 -32.57 15.68 -12.87
C GLY A 82 -31.26 16.37 -12.59
N SER A 83 -31.24 17.47 -11.79
CA SER A 83 -29.97 18.12 -11.46
C SER A 83 -29.38 17.52 -10.20
N MET A 84 -28.05 17.36 -10.18
CA MET A 84 -27.35 16.80 -9.03
C MET A 84 -27.52 17.73 -7.82
N ILE A 85 -27.83 17.16 -6.64
CA ILE A 85 -27.96 17.90 -5.38
C ILE A 85 -26.93 17.31 -4.41
N PRO A 86 -25.91 18.07 -3.96
CA PRO A 86 -24.96 17.47 -3.00
C PRO A 86 -25.66 17.03 -1.71
N LYS A 87 -25.17 15.97 -1.10
CA LYS A 87 -25.74 15.38 0.10
C LYS A 87 -24.62 15.06 1.09
N TYR A 88 -25.00 14.76 2.32
CA TYR A 88 -24.08 14.34 3.36
C TYR A 88 -24.68 13.13 4.07
N LYS A 89 -23.85 12.40 4.80
CA LYS A 89 -24.29 11.29 5.63
C LYS A 89 -23.38 11.23 6.85
N ILE A 90 -23.98 11.03 8.03
CA ILE A 90 -23.23 10.92 9.27
C ILE A 90 -23.25 9.47 9.73
N TYR A 91 -22.06 8.95 10.09
CA TYR A 91 -21.85 7.64 10.69
C TYR A 91 -21.39 7.93 12.12
N THR A 92 -21.96 7.25 13.12
CA THR A 92 -21.59 7.48 14.51
C THR A 92 -21.16 6.19 15.25
N PRO A 93 -20.44 5.19 14.67
CA PRO A 93 -20.02 4.04 15.49
C PRO A 93 -18.92 4.47 16.45
N GLY A 94 -19.02 4.08 17.72
CA GLY A 94 -18.05 4.48 18.74
C GLY A 94 -18.13 5.94 19.16
N ALA A 95 -19.18 6.67 18.74
CA ALA A 95 -19.37 8.08 19.06
C ALA A 95 -20.85 8.47 18.86
N ASN A 96 -21.76 7.72 19.52
CA ASN A 96 -23.20 7.92 19.38
C ASN A 96 -23.74 9.03 20.31
N GLU A 97 -22.98 9.43 21.36
CA GLU A 97 -23.42 10.49 22.29
C GLU A 97 -23.51 11.88 21.63
N ARG A 98 -24.56 12.65 21.94
CA ARG A 98 -24.77 13.98 21.36
C ARG A 98 -24.04 15.03 22.19
N LYS A 99 -23.23 15.89 21.52
CA LYS A 99 -22.46 16.96 22.18
C LYS A 99 -22.47 18.24 21.31
N TYR A 100 -22.27 19.43 21.92
CA TYR A 100 -22.28 20.68 21.15
C TYR A 100 -21.10 20.68 20.15
N ASN A 101 -19.85 20.67 20.65
CA ASN A 101 -18.66 20.60 19.81
C ASN A 101 -18.39 19.14 19.53
N ASN A 102 -18.56 18.73 18.28
CA ASN A 102 -18.32 17.36 17.89
C ASN A 102 -16.98 17.23 17.21
N TYR A 103 -16.27 16.14 17.47
CA TYR A 103 -15.09 15.77 16.70
C TYR A 103 -15.62 15.05 15.47
N MET A 104 -15.37 15.58 14.29
CA MET A 104 -15.89 15.01 13.06
C MET A 104 -14.82 14.79 12.03
N TYR A 105 -14.81 13.58 11.43
CA TYR A 105 -13.93 13.27 10.33
C TYR A 105 -14.72 13.54 9.06
N LEU A 106 -14.13 14.31 8.13
CA LEU A 106 -14.78 14.63 6.87
C LEU A 106 -13.96 14.08 5.68
N ILE A 107 -14.66 13.51 4.68
CA ILE A 107 -14.09 13.06 3.42
C ILE A 107 -15.18 13.31 2.36
N CYS A 108 -14.87 14.09 1.32
CA CYS A 108 -15.86 14.36 0.27
C CYS A 108 -15.52 13.63 -1.03
N TYR A 109 -16.51 13.48 -1.89
CA TYR A 109 -16.37 12.81 -3.18
C TYR A 109 -16.88 13.72 -4.26
N GLY A 110 -16.17 13.81 -5.36
CA GLY A 110 -16.58 14.64 -6.47
C GLY A 110 -16.18 14.11 -7.82
N PHE A 111 -16.73 14.73 -8.85
CA PHE A 111 -16.38 14.41 -10.21
C PHE A 111 -15.12 15.20 -10.53
N VAL A 112 -14.11 14.52 -11.11
CA VAL A 112 -12.90 15.18 -11.59
C VAL A 112 -13.25 15.51 -13.04
N GLU A 113 -13.25 16.80 -13.43
CA GLU A 113 -13.61 17.17 -14.79
C GLU A 113 -12.72 18.26 -15.37
N ASP A 114 -12.76 18.40 -16.69
CA ASP A 114 -11.98 19.41 -17.39
C ASP A 114 -12.52 20.81 -17.05
N VAL A 115 -11.65 21.83 -17.18
CA VAL A 115 -12.00 23.20 -16.86
C VAL A 115 -12.31 24.08 -18.11
N GLU A 116 -11.38 24.21 -19.08
CA GLU A 116 -11.57 25.14 -20.22
C GLU A 116 -12.79 24.85 -21.10
N LYS A 125 -15.89 19.64 -22.50
CA LYS A 125 -15.57 19.48 -21.08
C LYS A 125 -16.14 18.17 -20.53
N LYS A 126 -15.29 17.13 -20.38
CA LYS A 126 -15.74 15.82 -19.95
C LYS A 126 -15.47 15.50 -18.47
N ILE A 127 -16.29 14.56 -17.89
CA ILE A 127 -16.06 13.98 -16.56
C ILE A 127 -14.99 12.90 -16.78
N ARG A 128 -13.82 13.03 -16.16
CA ARG A 128 -12.72 12.08 -16.32
C ARG A 128 -12.86 10.90 -15.35
N THR A 129 -13.05 11.18 -14.05
CA THR A 129 -13.22 10.12 -13.05
C THR A 129 -13.90 10.69 -11.79
N ILE A 130 -13.97 9.91 -10.72
CA ILE A 130 -14.38 10.38 -9.42
C ILE A 130 -13.14 10.26 -8.49
N ALA A 131 -13.02 11.19 -7.54
CA ALA A 131 -11.93 11.19 -6.58
C ALA A 131 -12.46 11.60 -5.19
N ALA A 132 -11.81 11.10 -4.15
CA ALA A 132 -12.12 11.39 -2.76
C ALA A 132 -11.14 12.44 -2.26
N TYR A 133 -11.61 13.40 -1.48
CA TYR A 133 -10.77 14.45 -0.94
C TYR A 133 -10.88 14.43 0.57
N PRO A 134 -10.02 13.67 1.27
CA PRO A 134 -10.08 13.62 2.75
C PRO A 134 -9.71 14.96 3.38
N LEU A 135 -10.54 15.43 4.32
CA LEU A 135 -10.29 16.68 5.04
C LEU A 135 -9.81 16.44 6.48
N GLY A 136 -10.02 15.25 7.03
CA GLY A 136 -9.53 14.91 8.36
C GLY A 136 -10.48 15.22 9.49
N VAL A 137 -9.98 15.08 10.72
CA VAL A 137 -10.74 15.35 11.93
C VAL A 137 -10.65 16.83 12.26
N GLY A 138 -11.80 17.41 12.55
CA GLY A 138 -11.94 18.80 13.01
C GLY A 138 -12.98 18.85 14.11
N LYS A 139 -12.87 19.80 15.04
CA LYS A 139 -13.83 19.95 16.15
C LYS A 139 -14.77 21.07 15.74
N SER A 140 -16.08 20.79 15.61
CA SER A 140 -17.04 21.76 15.10
C SER A 140 -18.44 21.60 15.69
N ALA A 141 -19.14 22.70 15.84
CA ALA A 141 -20.54 22.71 16.26
C ALA A 141 -21.47 23.08 15.08
N SER A 142 -20.93 23.30 13.85
CA SER A 142 -21.75 23.70 12.70
C SER A 142 -22.65 22.58 12.23
N HIS A 143 -23.79 22.94 11.67
CA HIS A 143 -24.72 21.95 11.13
C HIS A 143 -24.08 21.33 9.88
N PRO A 144 -24.18 20.00 9.67
CA PRO A 144 -23.60 19.40 8.46
C PRO A 144 -24.05 20.00 7.12
N GLN A 145 -25.27 20.59 7.01
CA GLN A 145 -25.71 21.21 5.76
C GLN A 145 -24.90 22.48 5.48
N ASP A 146 -24.45 23.21 6.52
CA ASP A 146 -23.62 24.41 6.36
C ASP A 146 -22.20 24.02 5.98
N LEU A 147 -21.67 22.92 6.53
CA LEU A 147 -20.36 22.40 6.14
C LEU A 147 -20.41 21.99 4.65
N LEU A 148 -21.45 21.27 4.25
CA LEU A 148 -21.62 20.84 2.86
C LEU A 148 -21.73 22.02 1.86
N GLU A 149 -22.59 23.01 2.14
CA GLU A 149 -22.83 24.14 1.23
C GLU A 149 -21.57 24.99 1.06
N GLU A 150 -20.85 25.24 2.15
CA GLU A 150 -19.61 26.00 2.07
C GLU A 150 -18.56 25.23 1.27
N LEU A 151 -18.47 23.92 1.50
CA LEU A 151 -17.55 23.06 0.78
C LEU A 151 -17.82 23.08 -0.72
N CYS A 152 -19.09 23.05 -1.13
CA CYS A 152 -19.46 23.06 -2.54
C CYS A 152 -19.27 24.42 -3.22
N SER A 153 -19.11 25.51 -2.45
CA SER A 153 -18.85 26.82 -3.01
C SER A 153 -17.33 27.05 -3.26
N LEU A 154 -16.43 26.18 -2.74
CA LEU A 154 -15.00 26.33 -2.95
C LEU A 154 -14.59 25.88 -4.35
N LYS A 155 -13.52 26.45 -4.89
CA LYS A 155 -12.98 26.06 -6.19
C LYS A 155 -11.74 25.19 -5.95
N VAL A 156 -11.92 23.85 -5.95
CA VAL A 156 -10.85 22.87 -5.71
C VAL A 156 -10.25 22.33 -7.02
N THR A 157 -8.95 22.55 -7.24
CA THR A 157 -8.25 22.03 -8.41
C THR A 157 -7.72 20.61 -8.13
N VAL A 158 -7.59 19.79 -9.18
CA VAL A 158 -7.04 18.42 -9.08
C VAL A 158 -5.86 18.32 -10.04
N ARG A 159 -4.73 17.75 -9.57
CA ARG A 159 -3.57 17.48 -10.43
C ARG A 159 -3.08 16.06 -10.20
N ARG A 160 -2.68 15.37 -11.27
CA ARG A 160 -2.12 14.03 -11.23
C ARG A 160 -0.61 14.20 -11.39
N THR A 161 0.18 13.79 -10.39
CA THR A 161 1.64 13.94 -10.47
C THR A 161 2.32 12.74 -9.72
N ALA A 162 3.59 12.86 -9.26
CA ALA A 162 4.27 11.77 -8.60
C ALA A 162 5.30 12.24 -7.60
N GLY A 163 5.47 11.42 -6.56
CA GLY A 163 6.53 11.51 -5.57
C GLY A 163 7.16 10.14 -5.63
N SER A 164 7.19 9.41 -4.50
CA SER A 164 7.63 8.01 -4.52
C SER A 164 6.61 7.19 -5.32
N THR A 165 5.32 7.44 -5.05
CA THR A 165 4.18 6.81 -5.72
C THR A 165 3.43 7.90 -6.52
N GLU A 166 2.49 7.47 -7.35
CA GLU A 166 1.66 8.37 -8.12
C GLU A 166 0.74 9.12 -7.14
N LYS A 167 0.63 10.45 -7.31
CA LYS A 167 -0.17 11.30 -6.43
C LYS A 167 -1.32 12.02 -7.13
N ILE A 168 -2.36 12.35 -6.33
CA ILE A 168 -3.44 13.25 -6.67
C ILE A 168 -3.22 14.40 -5.72
N VAL A 169 -3.05 15.60 -6.26
CA VAL A 169 -2.82 16.82 -5.50
C VAL A 169 -4.06 17.73 -5.62
N PHE A 170 -4.63 18.13 -4.48
CA PHE A 170 -5.77 19.03 -4.44
C PHE A 170 -5.28 20.43 -4.08
N GLY A 171 -6.03 21.43 -4.51
CA GLY A 171 -5.78 22.83 -4.17
C GLY A 171 -7.09 23.56 -3.99
N SER A 172 -7.44 23.94 -2.75
CA SER A 172 -8.68 24.67 -2.49
C SER A 172 -8.48 26.20 -2.47
N SER A 173 -9.52 26.95 -2.90
CA SER A 173 -9.54 28.42 -2.89
C SER A 173 -10.98 28.91 -2.62
N GLY A 174 -11.08 30.00 -1.88
CA GLY A 174 -12.31 30.58 -1.36
C GLY A 174 -12.14 30.66 0.15
N PRO A 175 -12.40 31.80 0.82
CA PRO A 175 -12.19 31.84 2.29
C PRO A 175 -13.08 30.81 3.01
N LEU A 176 -12.72 30.49 4.26
CA LEU A 176 -13.47 29.54 5.07
C LEU A 176 -14.19 30.25 6.24
N ASN A 177 -15.25 29.62 6.73
CA ASN A 177 -16.02 30.10 7.87
C ASN A 177 -16.43 28.85 8.69
N HIS A 178 -17.45 28.09 8.28
CA HIS A 178 -17.82 26.85 8.97
C HIS A 178 -16.70 25.77 8.81
N LEU A 179 -15.89 25.84 7.73
CA LEU A 179 -14.81 24.89 7.48
C LEU A 179 -13.46 25.32 8.09
N VAL A 180 -13.42 26.36 8.94
CA VAL A 180 -12.18 26.78 9.59
C VAL A 180 -11.51 25.61 10.38
N PRO A 181 -12.23 24.69 11.07
CA PRO A 181 -11.57 23.58 11.77
C PRO A 181 -10.75 22.62 10.88
N TRP A 182 -11.01 22.62 9.55
CA TRP A 182 -10.28 21.82 8.57
C TRP A 182 -9.36 22.71 7.69
N LYS A 183 -9.03 23.96 8.14
CA LYS A 183 -8.19 24.85 7.35
C LYS A 183 -6.80 24.29 7.07
N LYS A 184 -6.20 23.49 7.97
CA LYS A 184 -4.85 22.91 7.72
C LYS A 184 -4.77 22.15 6.39
N VAL A 185 -5.81 21.41 6.05
CA VAL A 185 -5.90 20.68 4.80
C VAL A 185 -6.32 21.63 3.65
N LEU A 186 -7.44 22.38 3.82
CA LEU A 186 -8.00 23.19 2.74
C LEU A 186 -7.22 24.43 2.30
N THR A 187 -6.51 25.12 3.22
CA THR A 187 -5.85 26.39 2.88
C THR A 187 -4.47 26.27 2.25
N SER A 188 -3.98 25.07 2.00
CA SER A 188 -2.73 24.83 1.30
C SER A 188 -2.90 23.56 0.45
N GLY A 189 -2.00 23.33 -0.51
CA GLY A 189 -2.06 22.14 -1.35
C GLY A 189 -1.95 20.86 -0.54
N SER A 190 -2.63 19.80 -0.99
CA SER A 190 -2.66 18.50 -0.29
C SER A 190 -2.23 17.40 -1.24
N ILE A 191 -1.22 16.60 -0.87
CA ILE A 191 -0.68 15.53 -1.71
C ILE A 191 -1.11 14.17 -1.13
N PHE A 192 -1.89 13.41 -1.88
CA PHE A 192 -2.39 12.10 -1.44
C PHE A 192 -1.87 10.97 -2.33
N ASN A 193 -1.79 9.75 -1.78
CA ASN A 193 -1.42 8.56 -2.54
CA ASN A 193 -1.43 8.57 -2.56
C ASN A 193 -2.64 8.28 -3.42
N ALA A 194 -2.52 8.45 -4.74
CA ALA A 194 -3.64 8.27 -5.67
C ALA A 194 -4.46 7.00 -5.45
N VAL A 195 -3.82 5.89 -5.10
CA VAL A 195 -4.47 4.60 -4.86
C VAL A 195 -5.51 4.67 -3.72
N LYS A 196 -5.30 5.51 -2.70
CA LYS A 196 -6.22 5.61 -1.57
C LYS A 196 -7.42 6.52 -1.80
N VAL A 197 -7.35 7.42 -2.79
CA VAL A 197 -8.42 8.39 -3.03
C VAL A 197 -9.03 8.29 -4.42
N CYS A 198 -8.60 7.35 -5.26
CA CYS A 198 -9.11 7.22 -6.62
C CYS A 198 -8.79 5.84 -7.13
N ARG A 199 -9.73 5.18 -7.81
CA ARG A 199 -9.47 3.87 -8.37
C ARG A 199 -8.72 3.96 -9.71
N ASN A 200 -9.05 4.94 -10.58
CA ASN A 200 -8.47 5.03 -11.94
C ASN A 200 -7.80 6.38 -12.19
N VAL A 201 -6.69 6.62 -11.49
CA VAL A 201 -5.92 7.86 -11.62
C VAL A 201 -5.45 8.09 -13.07
N ASP A 202 -5.23 7.01 -13.84
CA ASP A 202 -4.79 7.15 -15.23
C ASP A 202 -5.84 7.86 -16.13
N GLN A 203 -7.09 8.04 -15.64
CA GLN A 203 -8.11 8.79 -16.38
C GLN A 203 -7.94 10.32 -16.19
N ILE A 204 -7.25 10.76 -15.12
CA ILE A 204 -7.03 12.19 -14.89
C ILE A 204 -6.01 12.66 -15.92
N GLN A 205 -6.29 13.79 -16.56
CA GLN A 205 -5.42 14.33 -17.61
C GLN A 205 -4.15 14.94 -17.04
N LEU A 206 -3.07 14.87 -17.82
CA LEU A 206 -1.78 15.48 -17.52
C LEU A 206 -1.61 16.78 -18.33
N ASP A 207 -2.30 16.92 -19.50
CA ASP A 207 -2.20 18.09 -20.40
C ASP A 207 -3.32 19.12 -20.25
N LYS A 208 -4.28 18.92 -19.34
CA LYS A 208 -5.40 19.86 -19.15
C LYS A 208 -5.60 20.17 -17.67
N HIS A 209 -6.19 21.34 -17.37
CA HIS A 209 -6.50 21.69 -15.98
C HIS A 209 -7.72 20.85 -15.54
N GLN A 210 -7.71 20.38 -14.30
CA GLN A 210 -8.79 19.53 -13.77
C GLN A 210 -9.37 20.14 -12.49
N ALA A 211 -10.68 19.94 -12.27
CA ALA A 211 -11.37 20.49 -11.11
C ALA A 211 -12.27 19.46 -10.42
N LEU A 212 -12.56 19.67 -9.14
CA LEU A 212 -13.42 18.74 -8.40
C LEU A 212 -14.80 19.38 -8.20
N ARG A 213 -15.88 18.70 -8.63
CA ARG A 213 -17.28 19.13 -8.47
C ARG A 213 -17.86 18.18 -7.45
N ILE A 214 -17.93 18.60 -6.18
CA ILE A 214 -18.32 17.75 -5.06
C ILE A 214 -19.82 17.40 -5.07
N PHE A 215 -20.14 16.10 -4.88
CA PHE A 215 -21.53 15.63 -4.83
C PHE A 215 -21.89 14.96 -3.50
N PHE A 216 -20.91 14.59 -2.66
CA PHE A 216 -21.23 13.92 -1.40
C PHE A 216 -20.19 14.24 -0.33
N LEU A 217 -20.63 14.43 0.92
CA LEU A 217 -19.73 14.69 2.05
C LEU A 217 -20.00 13.60 3.05
N SER A 218 -19.04 12.72 3.30
CA SER A 218 -19.21 11.65 4.29
C SER A 218 -18.63 12.15 5.60
N ILE A 219 -19.37 11.95 6.71
CA ILE A 219 -18.95 12.42 8.02
C ILE A 219 -18.98 11.26 9.00
N THR A 220 -17.93 11.09 9.80
CA THR A 220 -17.93 10.07 10.84
C THR A 220 -17.62 10.79 12.13
N LYS A 221 -18.49 10.68 13.13
CA LYS A 221 -18.25 11.34 14.41
C LYS A 221 -17.27 10.50 15.19
N LEU A 222 -16.38 11.17 15.92
CA LEU A 222 -15.38 10.54 16.77
C LEU A 222 -15.60 10.96 18.23
N ASN A 223 -15.07 10.17 19.16
CA ASN A 223 -15.09 10.45 20.59
C ASN A 223 -13.60 10.56 20.96
N ASP A 224 -13.12 11.72 21.44
CA ASP A 224 -11.70 11.87 21.74
C ASP A 224 -11.20 10.92 22.82
N SER A 225 -12.07 10.19 23.55
CA SER A 225 -11.60 9.16 24.49
C SER A 225 -11.27 7.83 23.78
N GLY A 226 -11.81 7.59 22.58
CA GLY A 226 -11.60 6.36 21.84
C GLY A 226 -10.21 6.20 21.27
N ILE A 227 -9.85 4.97 20.91
CA ILE A 227 -8.56 4.64 20.32
C ILE A 227 -8.73 4.56 18.81
N TYR A 228 -8.00 5.38 18.05
CA TYR A 228 -8.10 5.39 16.60
C TYR A 228 -6.71 5.04 16.06
N MET A 229 -6.61 3.99 15.22
CA MET A 229 -5.34 3.44 14.75
C MET A 229 -5.04 3.63 13.26
N ILE A 230 -3.78 3.96 12.97
CA ILE A 230 -3.16 4.00 11.66
C ILE A 230 -1.87 3.17 11.78
N PRO A 231 -1.26 2.70 10.68
CA PRO A 231 -0.05 1.87 10.83
C PRO A 231 1.04 2.43 11.77
N ARG A 232 1.35 3.75 11.71
CA ARG A 232 2.38 4.32 12.59
C ARG A 232 2.00 4.36 14.09
N THR A 233 0.71 4.26 14.44
CA THR A 233 0.31 4.25 15.86
C THR A 233 0.01 2.82 16.37
N MET A 234 0.07 1.77 15.52
CA MET A 234 -0.23 0.41 15.98
C MET A 234 0.94 -0.14 16.79
N LEU A 235 0.62 -0.87 17.86
CA LEU A 235 1.59 -1.38 18.82
C LEU A 235 2.26 -2.69 18.38
N GLU A 236 3.39 -3.02 19.05
CA GLU A 236 4.17 -4.23 18.83
C GLU A 236 3.27 -5.46 19.00
N PHE A 237 3.29 -6.36 18.00
CA PHE A 237 2.49 -7.60 18.01
C PHE A 237 3.31 -8.83 18.44
N ARG A 238 4.66 -8.74 18.45
CA ARG A 238 5.48 -9.88 18.83
C ARG A 238 5.51 -10.08 20.37
N ARG A 239 5.50 -11.35 20.78
CA ARG A 239 5.56 -11.73 22.20
C ARG A 239 6.03 -13.19 22.30
N ASN A 240 6.76 -13.55 23.36
CA ASN A 240 7.19 -14.93 23.56
C ASN A 240 6.22 -15.59 24.55
N ASN A 241 5.83 -16.85 24.29
CA ASN A 241 4.97 -17.64 25.20
C ASN A 241 3.64 -16.97 25.53
N ALA A 242 2.96 -16.51 24.49
CA ALA A 242 1.64 -15.89 24.55
C ALA A 242 0.75 -16.42 23.39
N ILE A 243 -0.59 -16.18 23.50
CA ILE A 243 -1.56 -16.55 22.47
C ILE A 243 -2.01 -15.25 21.83
N ALA A 244 -1.83 -15.11 20.52
CA ALA A 244 -2.27 -13.95 19.79
C ALA A 244 -3.79 -14.03 19.55
N PHE A 245 -4.50 -12.90 19.78
CA PHE A 245 -5.91 -12.76 19.48
C PHE A 245 -5.96 -12.03 18.15
N ASN A 246 -6.08 -12.76 17.05
CA ASN A 246 -6.18 -12.18 15.72
C ASN A 246 -7.64 -12.19 15.27
N LEU A 247 -7.99 -11.27 14.37
CA LEU A 247 -9.35 -11.13 13.92
C LEU A 247 -9.39 -11.19 12.42
N LEU A 248 -10.19 -12.12 11.88
CA LEU A 248 -10.36 -12.30 10.45
C LEU A 248 -11.72 -11.72 10.09
N VAL A 249 -11.75 -10.69 9.22
CA VAL A 249 -12.98 -10.01 8.84
C VAL A 249 -13.24 -10.21 7.35
N TYR A 250 -14.49 -10.50 7.00
CA TYR A 250 -14.91 -10.67 5.61
C TYR A 250 -15.86 -9.58 5.24
N LEU A 251 -15.63 -8.95 4.09
CA LEU A 251 -16.48 -7.90 3.57
C LEU A 251 -17.13 -8.37 2.27
N LYS A 252 -18.47 -8.27 2.18
CA LYS A 252 -19.25 -8.57 0.98
C LYS A 252 -19.41 -7.21 0.29
N ILE A 253 -19.03 -7.14 -0.98
CA ILE A 253 -19.07 -5.91 -1.78
C ILE A 253 -20.04 -6.16 -2.93
N ASP A 254 -21.03 -5.27 -3.15
CA ASP A 254 -22.05 -5.51 -4.18
C ASP A 254 -21.46 -5.84 -5.57
N ALA A 255 -20.27 -5.26 -5.93
CA ALA A 255 -19.58 -5.51 -7.20
C ALA A 255 -20.53 -5.40 -8.42
N PHE A 271 -21.87 -11.15 -5.85
CA PHE A 271 -21.13 -10.31 -4.91
C PHE A 271 -19.68 -10.77 -4.78
N LYS A 272 -18.78 -9.81 -4.58
CA LYS A 272 -17.34 -10.03 -4.41
C LYS A 272 -17.04 -10.04 -2.91
N VAL A 273 -16.25 -11.01 -2.42
CA VAL A 273 -15.91 -11.08 -0.99
C VAL A 273 -14.41 -10.91 -0.77
N ALA A 274 -14.02 -9.92 0.02
CA ALA A 274 -12.63 -9.67 0.39
C ALA A 274 -12.46 -9.96 1.89
N SER A 275 -11.28 -10.37 2.31
CA SER A 275 -11.01 -10.64 3.73
C SER A 275 -9.65 -10.11 4.12
N PHE A 276 -9.51 -9.79 5.40
CA PHE A 276 -8.26 -9.31 5.96
C PHE A 276 -8.17 -9.72 7.40
N MET A 277 -6.95 -9.81 7.91
CA MET A 277 -6.72 -10.20 9.28
C MET A 277 -5.96 -9.07 9.99
N LEU A 278 -6.23 -8.90 11.28
CA LEU A 278 -5.52 -7.90 12.08
C LEU A 278 -5.30 -8.40 13.49
N HIS A 279 -4.21 -7.94 14.08
CA HIS A 279 -3.83 -8.36 15.41
C HIS A 279 -4.47 -7.43 16.42
N LEU A 280 -5.22 -7.98 17.39
CA LEU A 280 -5.86 -7.16 18.40
C LEU A 280 -4.98 -7.08 19.64
N GLY A 281 -4.40 -8.20 20.05
CA GLY A 281 -3.52 -8.25 21.20
C GLY A 281 -3.04 -9.65 21.50
N ASN A 282 -2.35 -9.83 22.63
CA ASN A 282 -1.83 -11.14 23.05
C ASN A 282 -2.28 -11.44 24.48
N PHE A 283 -2.74 -12.67 24.73
CA PHE A 283 -3.11 -13.13 26.06
C PHE A 283 -1.87 -13.79 26.67
N VAL A 284 -1.60 -13.45 27.95
CA VAL A 284 -0.54 -14.05 28.77
C VAL A 284 -0.66 -15.59 28.80
N ARG A 297 -11.13 -18.25 24.42
CA ARG A 297 -12.40 -18.13 23.71
C ARG A 297 -13.52 -17.71 24.67
N ARG A 298 -13.60 -18.32 25.86
CA ARG A 298 -14.59 -17.96 26.87
C ARG A 298 -14.40 -16.50 27.30
N LYS A 299 -13.14 -16.03 27.39
CA LYS A 299 -12.87 -14.64 27.74
C LYS A 299 -13.36 -13.71 26.63
N ILE A 300 -13.20 -14.11 25.36
CA ILE A 300 -13.67 -13.31 24.24
C ILE A 300 -15.21 -13.28 24.18
N ASP A 301 -15.90 -14.38 24.54
CA ASP A 301 -17.37 -14.41 24.57
C ASP A 301 -17.89 -13.42 25.59
N ARG A 302 -17.27 -13.38 26.79
CA ARG A 302 -17.65 -12.44 27.85
C ARG A 302 -17.42 -10.98 27.44
N MET A 303 -16.50 -10.71 26.50
CA MET A 303 -16.28 -9.35 26.03
C MET A 303 -17.50 -8.81 25.28
N LYS A 304 -18.32 -9.67 24.64
CA LYS A 304 -19.50 -9.27 23.89
C LYS A 304 -19.16 -8.17 22.86
N LEU A 305 -18.20 -8.48 21.99
CA LEU A 305 -17.73 -7.53 21.00
C LEU A 305 -18.79 -7.23 19.95
N GLN A 306 -18.82 -5.99 19.47
CA GLN A 306 -19.72 -5.55 18.43
C GLN A 306 -18.84 -4.91 17.36
N PHE A 307 -19.15 -5.17 16.09
CA PHE A 307 -18.36 -4.71 14.97
C PHE A 307 -19.22 -3.89 14.06
N SER A 308 -18.71 -2.74 13.64
CA SER A 308 -19.42 -1.88 12.72
C SER A 308 -18.45 -1.17 11.78
N LEU A 309 -18.98 -0.61 10.68
CA LEU A 309 -18.20 0.11 9.69
C LEU A 309 -18.49 1.61 9.78
N GLY A 310 -17.47 2.38 9.49
CA GLY A 310 -17.52 3.82 9.39
C GLY A 310 -16.90 4.28 8.09
N SER A 311 -16.76 5.57 7.90
CA SER A 311 -16.19 6.13 6.66
C SER A 311 -14.89 6.88 6.94
N ILE A 312 -14.17 6.58 8.04
CA ILE A 312 -12.88 7.21 8.28
C ILE A 312 -11.91 6.69 7.19
N GLY A 313 -11.30 7.61 6.46
CA GLY A 313 -10.47 7.33 5.31
C GLY A 313 -11.20 6.72 4.12
N GLY A 314 -12.53 6.71 4.16
CA GLY A 314 -13.35 6.06 3.15
C GLY A 314 -13.92 4.73 3.65
N LEU A 315 -13.30 4.11 4.67
CA LEU A 315 -13.75 2.83 5.19
C LEU A 315 -12.99 2.55 6.49
N SER A 316 -13.70 2.34 7.58
CA SER A 316 -13.06 2.03 8.85
C SER A 316 -13.81 0.94 9.59
N LEU A 317 -13.12 0.23 10.45
CA LEU A 317 -13.70 -0.84 11.26
C LEU A 317 -13.71 -0.33 12.69
N HIS A 318 -14.88 -0.44 13.36
CA HIS A 318 -15.07 -0.01 14.73
C HIS A 318 -15.48 -1.24 15.57
N ILE A 319 -14.82 -1.43 16.72
CA ILE A 319 -15.08 -2.54 17.64
C ILE A 319 -15.49 -1.92 18.97
N LYS A 320 -16.58 -2.43 19.57
CA LYS A 320 -17.07 -1.94 20.85
C LYS A 320 -17.18 -3.13 21.80
N ILE A 321 -16.65 -2.99 23.00
CA ILE A 321 -16.73 -4.03 24.03
C ILE A 321 -18.00 -3.75 24.83
N ASN A 322 -19.06 -4.56 24.68
CA ASN A 322 -20.30 -4.36 25.45
C ASN A 322 -20.38 -5.20 26.74
N GLY A 323 -19.43 -6.13 26.93
CA GLY A 323 -19.37 -7.02 28.08
C GLY A 323 -18.24 -6.67 29.01
N VAL A 324 -17.50 -7.69 29.49
CA VAL A 324 -16.41 -7.46 30.45
C VAL A 324 -15.04 -7.86 29.91
N ILE A 325 -14.01 -7.20 30.45
CA ILE A 325 -12.59 -7.44 30.13
C ILE A 325 -11.79 -7.47 31.47
N SER A 326 -10.46 -7.67 31.42
CA SER A 326 -9.63 -7.68 32.66
C SER A 326 -9.39 -6.24 33.18
N LYS A 327 -8.97 -6.11 34.45
CA LYS A 327 -8.67 -4.79 35.02
C LYS A 327 -7.48 -4.14 34.29
N ARG A 328 -6.47 -4.95 33.90
CA ARG A 328 -5.28 -4.47 33.21
C ARG A 328 -5.62 -3.98 31.80
N LEU A 329 -6.45 -4.72 31.05
CA LEU A 329 -6.85 -4.30 29.70
C LEU A 329 -7.77 -3.04 29.74
N PHE A 330 -8.65 -2.89 30.75
CA PHE A 330 -9.49 -1.68 30.84
C PHE A 330 -8.61 -0.47 31.13
N ALA A 331 -7.56 -0.65 32.01
CA ALA A 331 -6.66 0.48 32.30
C ALA A 331 -5.89 0.90 31.02
N GLN A 332 -5.47 -0.08 30.23
CA GLN A 332 -4.71 0.14 29.00
C GLN A 332 -5.51 0.86 27.94
N MET A 333 -6.78 0.47 27.74
CA MET A 333 -7.63 1.11 26.73
C MET A 333 -8.07 2.54 27.05
N GLY A 334 -7.53 3.15 28.12
CA GLY A 334 -7.90 4.50 28.50
C GLY A 334 -9.24 4.58 29.20
N PHE A 335 -9.62 3.52 29.94
CA PHE A 335 -10.85 3.44 30.71
C PHE A 335 -12.09 3.64 29.85
N GLN A 336 -12.08 3.05 28.65
CA GLN A 336 -13.22 3.12 27.72
C GLN A 336 -13.28 1.85 26.85
N LYS A 337 -14.36 1.65 26.08
CA LYS A 337 -14.55 0.38 25.35
C LYS A 337 -14.59 0.46 23.81
N ASN A 338 -14.06 1.51 23.16
CA ASN A 338 -14.05 1.68 21.70
C ASN A 338 -12.64 1.62 21.09
N LEU A 339 -12.51 0.94 19.93
CA LEU A 339 -11.25 0.79 19.17
C LEU A 339 -11.61 0.89 17.67
N CYS A 340 -10.87 1.69 16.89
CA CYS A 340 -11.17 1.95 15.47
C CYS A 340 -9.89 1.83 14.63
N PHE A 341 -10.02 1.25 13.43
CA PHE A 341 -8.91 1.05 12.51
C PHE A 341 -9.21 1.74 11.17
N SER A 342 -8.28 2.55 10.65
CA SER A 342 -8.44 3.18 9.34
C SER A 342 -8.07 2.09 8.28
N LEU A 343 -9.07 1.40 7.73
CA LEU A 343 -8.84 0.29 6.82
C LEU A 343 -8.15 0.65 5.49
N MET A 344 -8.35 1.85 4.93
CA MET A 344 -7.65 2.22 3.68
C MET A 344 -6.18 2.54 3.93
N ASP A 345 -5.79 2.87 5.19
CA ASP A 345 -4.39 3.11 5.51
C ASP A 345 -3.66 1.80 5.82
N ILE A 346 -4.35 0.83 6.43
CA ILE A 346 -3.77 -0.47 6.75
C ILE A 346 -3.76 -1.38 5.51
N ASN A 347 -4.88 -1.42 4.77
CA ASN A 347 -5.08 -2.27 3.61
C ASN A 347 -5.50 -1.43 2.41
N PRO A 348 -4.61 -0.60 1.86
CA PRO A 348 -5.03 0.28 0.74
C PRO A 348 -5.63 -0.44 -0.46
N TRP A 349 -5.29 -1.74 -0.63
CA TRP A 349 -5.83 -2.59 -1.68
C TRP A 349 -7.36 -2.72 -1.61
N LEU A 350 -7.96 -2.48 -0.44
CA LEU A 350 -9.43 -2.52 -0.32
C LEU A 350 -10.12 -1.46 -1.18
N ASN A 351 -9.50 -0.27 -1.39
CA ASN A 351 -10.16 0.79 -2.17
C ASN A 351 -10.50 0.38 -3.60
N ARG A 352 -9.63 -0.38 -4.25
CA ARG A 352 -9.87 -0.85 -5.62
C ARG A 352 -11.15 -1.71 -5.69
N LEU A 353 -11.43 -2.47 -4.62
CA LEU A 353 -12.58 -3.36 -4.51
C LEU A 353 -13.88 -2.64 -4.09
N THR A 354 -13.83 -1.82 -3.02
CA THR A 354 -15.03 -1.15 -2.51
C THR A 354 -15.40 0.12 -3.28
N TRP A 355 -14.49 0.71 -4.07
CA TRP A 355 -14.77 1.95 -4.81
C TRP A 355 -16.07 1.93 -5.58
N ASN A 356 -16.94 2.96 -5.35
CA ASN A 356 -18.21 3.10 -6.03
C ASN A 356 -19.17 1.94 -5.74
N ASN A 357 -18.99 1.24 -4.62
CA ASN A 357 -19.81 0.09 -4.24
C ASN A 357 -20.17 0.17 -2.78
N SER A 358 -21.24 -0.55 -2.41
CA SER A 358 -21.62 -0.68 -1.02
C SER A 358 -20.72 -1.75 -0.42
N CYS A 359 -20.53 -1.71 0.88
CA CYS A 359 -19.61 -2.59 1.59
C CYS A 359 -20.30 -3.06 2.86
N GLU A 360 -20.06 -4.31 3.26
CA GLU A 360 -20.77 -4.87 4.40
C GLU A 360 -20.00 -5.99 5.07
N ILE A 361 -20.01 -6.04 6.40
CA ILE A 361 -19.39 -7.13 7.14
C ILE A 361 -20.28 -8.36 6.90
N SER A 362 -19.69 -9.46 6.43
CA SER A 362 -20.41 -10.70 6.17
C SER A 362 -19.98 -11.83 7.11
N ARG A 363 -18.80 -11.74 7.72
CA ARG A 363 -18.34 -12.73 8.69
C ARG A 363 -17.17 -12.16 9.51
N VAL A 364 -17.09 -12.50 10.81
CA VAL A 364 -16.00 -12.07 11.68
C VAL A 364 -15.63 -13.28 12.52
N ALA A 365 -14.35 -13.64 12.53
CA ALA A 365 -13.90 -14.77 13.32
C ALA A 365 -12.68 -14.43 14.13
N ALA A 366 -12.61 -15.00 15.34
CA ALA A 366 -11.45 -14.90 16.20
C ALA A 366 -10.47 -15.98 15.71
N VAL A 367 -9.20 -15.64 15.54
CA VAL A 367 -8.19 -16.58 15.09
C VAL A 367 -7.12 -16.58 16.17
N LEU A 368 -7.21 -17.54 17.10
CA LEU A 368 -6.28 -17.67 18.21
C LEU A 368 -5.08 -18.55 17.81
N GLN A 369 -3.90 -17.95 17.77
CA GLN A 369 -2.69 -18.61 17.33
C GLN A 369 -1.56 -18.38 18.31
N PRO A 370 -0.47 -19.20 18.31
CA PRO A 370 0.69 -18.84 19.15
C PRO A 370 1.26 -17.48 18.68
N SER A 371 1.67 -16.63 19.63
CA SER A 371 2.19 -15.31 19.27
C SER A 371 3.48 -15.40 18.47
N ILE A 372 3.76 -14.42 17.63
CA ILE A 372 4.98 -14.41 16.84
C ILE A 372 6.13 -14.07 17.81
N PRO A 373 7.20 -14.89 17.95
CA PRO A 373 8.26 -14.54 18.92
C PRO A 373 8.99 -13.25 18.62
N ARG A 374 9.53 -12.60 19.67
CA ARG A 374 10.30 -11.34 19.55
C ARG A 374 11.57 -11.51 18.72
N GLU A 375 12.13 -12.73 18.66
CA GLU A 375 13.35 -13.01 17.90
C GLU A 375 13.12 -12.96 16.38
N PHE A 376 11.87 -13.12 15.91
CA PHE A 376 11.56 -13.07 14.48
C PHE A 376 11.77 -11.64 13.96
N MET A 377 12.27 -11.49 12.73
CA MET A 377 12.54 -10.20 12.13
C MET A 377 11.37 -9.75 11.27
N ILE A 378 11.02 -8.45 11.36
CA ILE A 378 9.98 -7.86 10.53
C ILE A 378 10.61 -7.32 9.26
N TYR A 379 10.09 -7.75 8.09
CA TYR A 379 10.57 -7.27 6.81
C TYR A 379 9.40 -6.66 6.08
N ASP A 380 9.12 -5.39 6.35
CA ASP A 380 8.03 -4.67 5.68
C ASP A 380 8.34 -4.50 4.19
N ASP A 381 9.64 -4.33 3.84
CA ASP A 381 10.11 -4.25 2.46
C ASP A 381 10.72 -5.59 2.05
N VAL A 382 10.32 -6.10 0.88
CA VAL A 382 10.87 -7.33 0.31
C VAL A 382 12.30 -7.13 -0.21
N PHE A 383 12.70 -5.89 -0.52
CA PHE A 383 14.08 -5.61 -0.91
C PHE A 383 14.91 -5.47 0.38
N ILE A 384 15.45 -6.60 0.84
CA ILE A 384 16.28 -6.68 2.05
C ILE A 384 17.75 -6.57 1.65
N ASP A 385 18.58 -5.93 2.48
CA ASP A 385 20.02 -5.85 2.24
C ASP A 385 20.72 -6.37 3.50
N ASN A 386 21.23 -7.61 3.43
CA ASN A 386 21.94 -8.22 4.55
C ASN A 386 23.36 -7.66 4.70
N THR A 387 23.94 -7.07 3.65
CA THR A 387 25.29 -6.51 3.70
C THR A 387 25.32 -5.10 4.33
N GLY A 388 24.25 -4.31 4.25
CA GLY A 388 24.30 -2.93 4.74
C GLY A 388 25.17 -2.01 3.89
N ARG A 389 25.55 -2.43 2.67
CA ARG A 389 26.37 -1.67 1.74
C ARG A 389 25.53 -1.11 0.54
N ILE A 390 24.32 -1.65 0.28
CA ILE A 390 23.37 -1.24 -0.76
C ILE A 390 22.33 -0.23 -0.20
N LEU A 391 21.79 -0.49 1.00
CA LEU A 391 20.79 0.37 1.65
C LEU A 391 21.30 0.80 3.02
N LYS A 392 21.09 2.07 3.40
CA LYS A 392 21.46 2.58 4.72
C LYS A 392 20.39 2.17 5.74
N VAL B 57 4.84 15.66 -21.61
CA VAL B 57 4.68 14.22 -21.85
C VAL B 57 5.23 13.80 -23.22
N SER B 58 6.47 13.29 -23.24
CA SER B 58 7.14 12.84 -24.46
C SER B 58 7.59 11.39 -24.31
N ASP B 59 7.22 10.57 -25.28
CA ASP B 59 7.57 9.16 -25.28
C ASP B 59 9.02 8.89 -25.62
N PHE B 60 9.62 7.91 -24.91
CA PHE B 60 10.94 7.40 -25.24
C PHE B 60 10.73 6.40 -26.39
N SER B 61 11.78 6.19 -27.18
CA SER B 61 11.72 5.26 -28.31
C SER B 61 11.67 3.81 -27.81
N PRO B 62 10.98 2.85 -28.49
CA PRO B 62 10.98 1.46 -27.98
C PRO B 62 12.34 0.79 -27.82
N SER B 63 13.37 1.26 -28.56
CA SER B 63 14.72 0.73 -28.45
C SER B 63 15.28 0.90 -27.03
N SER B 64 14.83 1.95 -26.29
CA SER B 64 15.28 2.22 -24.93
C SER B 64 14.87 1.13 -23.92
N TRP B 65 13.94 0.22 -24.25
CA TRP B 65 13.57 -0.88 -23.35
C TRP B 65 13.63 -2.27 -24.02
N GLU B 66 14.04 -2.36 -25.30
CA GLU B 66 14.09 -3.63 -26.04
C GLU B 66 14.99 -4.71 -25.41
N HIS B 67 16.23 -4.38 -25.07
CA HIS B 67 17.17 -5.36 -24.55
C HIS B 67 16.71 -6.06 -23.23
N GLY B 68 16.51 -5.30 -22.15
CA GLY B 68 16.17 -5.89 -20.86
C GLY B 68 14.79 -5.62 -20.31
N GLY B 69 13.85 -5.15 -21.11
CA GLY B 69 12.53 -4.81 -20.64
C GLY B 69 11.58 -5.97 -20.41
N TYR B 70 12.10 -7.22 -20.24
CA TYR B 70 11.24 -8.39 -20.07
C TYR B 70 11.60 -9.17 -18.82
N LEU B 71 10.61 -9.63 -18.05
CA LEU B 71 10.83 -10.45 -16.87
C LEU B 71 10.02 -11.72 -17.10
N ASP B 72 10.68 -12.88 -17.09
CA ASP B 72 10.02 -14.15 -17.38
C ASP B 72 9.06 -14.55 -16.28
N LYS B 73 8.05 -15.31 -16.69
CA LYS B 73 7.06 -15.87 -15.77
C LYS B 73 7.75 -16.84 -14.80
N VAL B 74 7.43 -16.81 -13.52
CA VAL B 74 7.99 -17.76 -12.55
C VAL B 74 7.15 -19.04 -12.70
N GLU B 75 7.82 -20.16 -13.02
CA GLU B 75 7.16 -21.43 -13.33
C GLU B 75 8.01 -22.63 -12.92
N PRO B 76 7.43 -23.71 -12.33
CA PRO B 76 8.25 -24.91 -12.07
C PRO B 76 8.54 -25.69 -13.35
N GLU B 77 9.65 -26.43 -13.34
CA GLU B 77 10.05 -27.26 -14.45
C GLU B 77 10.06 -28.72 -14.03
N ILE B 78 9.93 -29.62 -14.99
CA ILE B 78 10.01 -31.06 -14.74
C ILE B 78 11.21 -31.64 -15.49
N ASP B 79 11.73 -32.75 -14.97
CA ASP B 79 12.81 -33.47 -15.63
C ASP B 79 12.18 -34.44 -16.68
N GLU B 80 13.03 -35.19 -17.38
CA GLU B 80 12.67 -36.21 -18.37
C GLU B 80 11.62 -37.23 -17.86
N ASN B 81 11.53 -37.40 -16.52
CA ASN B 81 10.60 -38.37 -15.92
C ASN B 81 9.42 -37.71 -15.15
N GLY B 82 9.14 -36.44 -15.42
CA GLY B 82 7.99 -35.77 -14.81
C GLY B 82 8.12 -35.28 -13.39
N SER B 83 9.31 -35.37 -12.76
CA SER B 83 9.47 -34.86 -11.40
C SER B 83 9.93 -33.41 -11.46
N MET B 84 9.42 -32.58 -10.54
CA MET B 84 9.82 -31.18 -10.48
C MET B 84 11.33 -31.10 -10.19
N ILE B 85 12.03 -30.27 -10.96
CA ILE B 85 13.46 -30.07 -10.80
C ILE B 85 13.66 -28.58 -10.49
N PRO B 86 14.14 -28.18 -9.28
CA PRO B 86 14.33 -26.75 -9.02
C PRO B 86 15.32 -26.11 -9.99
N LYS B 87 15.10 -24.84 -10.31
CA LYS B 87 15.91 -24.10 -11.26
C LYS B 87 16.23 -22.73 -10.69
N TYR B 88 17.16 -22.03 -11.33
CA TYR B 88 17.52 -20.67 -10.98
C TYR B 88 17.60 -19.86 -12.27
N LYS B 89 17.56 -18.53 -12.14
CA LYS B 89 17.75 -17.61 -13.25
C LYS B 89 18.44 -16.38 -12.72
N ILE B 90 19.44 -15.88 -13.46
CA ILE B 90 20.17 -14.69 -13.09
C ILE B 90 19.76 -13.56 -14.02
N TYR B 91 19.44 -12.40 -13.43
CA TYR B 91 19.15 -11.14 -14.11
C TYR B 91 20.33 -10.23 -13.78
N THR B 92 20.90 -9.56 -14.78
CA THR B 92 22.03 -8.65 -14.60
C THR B 92 21.70 -7.30 -15.27
N PRO B 93 20.59 -6.60 -14.89
CA PRO B 93 20.25 -5.34 -15.58
C PRO B 93 21.13 -4.16 -15.20
N ASN B 101 30.40 -9.63 -10.13
CA ASN B 101 29.07 -10.21 -9.98
C ASN B 101 28.91 -10.88 -8.61
N ASN B 102 29.53 -10.30 -7.54
CA ASN B 102 29.52 -10.90 -6.21
C ASN B 102 28.31 -10.48 -5.32
N TYR B 103 27.68 -9.28 -5.49
CA TYR B 103 26.50 -8.88 -4.69
C TYR B 103 25.27 -9.43 -5.39
N MET B 104 24.55 -10.34 -4.75
CA MET B 104 23.39 -10.96 -5.34
C MET B 104 22.17 -10.79 -4.47
N TYR B 105 21.03 -10.47 -5.09
CA TYR B 105 19.73 -10.44 -4.43
C TYR B 105 19.09 -11.77 -4.74
N LEU B 106 18.59 -12.46 -3.70
CA LEU B 106 17.92 -13.75 -3.87
C LEU B 106 16.45 -13.67 -3.39
N ILE B 107 15.53 -14.26 -4.18
CA ILE B 107 14.13 -14.43 -3.84
C ILE B 107 13.72 -15.80 -4.42
N CYS B 108 13.21 -16.72 -3.58
CA CYS B 108 12.78 -18.02 -4.08
C CYS B 108 11.27 -18.16 -4.08
N TYR B 109 10.76 -19.12 -4.85
CA TYR B 109 9.34 -19.38 -4.98
C TYR B 109 9.10 -20.84 -4.69
N GLY B 110 8.06 -21.15 -3.94
CA GLY B 110 7.73 -22.54 -3.63
C GLY B 110 6.27 -22.80 -3.46
N PHE B 111 5.92 -24.08 -3.40
CA PHE B 111 4.57 -24.50 -3.14
C PHE B 111 4.38 -24.48 -1.63
N VAL B 112 3.27 -23.92 -1.14
CA VAL B 112 2.90 -23.97 0.27
C VAL B 112 2.04 -25.22 0.36
N GLU B 113 2.47 -26.21 1.14
CA GLU B 113 1.74 -27.47 1.23
C GLU B 113 1.48 -27.89 2.66
N ASP B 114 0.52 -28.81 2.84
CA ASP B 114 0.25 -29.41 4.14
C ASP B 114 1.42 -30.32 4.55
N VAL B 115 1.57 -30.54 5.86
CA VAL B 115 2.64 -31.37 6.43
C VAL B 115 2.13 -32.77 6.83
N LYS B 125 1.38 -33.08 1.02
CA LYS B 125 1.14 -33.43 -0.38
C LYS B 125 0.10 -32.49 -1.01
N LYS B 126 -0.92 -32.06 -0.23
CA LYS B 126 -1.96 -31.12 -0.70
C LYS B 126 -1.33 -29.73 -0.89
N ILE B 127 -1.37 -29.18 -2.13
CA ILE B 127 -0.79 -27.88 -2.47
C ILE B 127 -1.85 -26.80 -2.27
N ARG B 128 -1.61 -25.86 -1.32
CA ARG B 128 -2.54 -24.79 -1.03
C ARG B 128 -2.33 -23.57 -1.95
N THR B 129 -1.08 -23.13 -2.18
CA THR B 129 -0.81 -21.99 -3.08
C THR B 129 0.70 -21.85 -3.34
N ILE B 130 1.14 -20.83 -4.13
CA ILE B 130 2.55 -20.47 -4.36
C ILE B 130 2.91 -19.29 -3.43
N ALA B 131 4.15 -19.23 -2.95
CA ALA B 131 4.59 -18.13 -2.08
C ALA B 131 6.05 -17.75 -2.38
N ALA B 132 6.39 -16.47 -2.28
CA ALA B 132 7.74 -15.99 -2.51
C ALA B 132 8.43 -15.80 -1.17
N TYR B 133 9.71 -16.17 -1.07
CA TYR B 133 10.46 -16.04 0.16
C TYR B 133 11.70 -15.19 -0.12
N PRO B 134 11.61 -13.85 0.02
CA PRO B 134 12.77 -13.00 -0.23
C PRO B 134 13.89 -13.22 0.78
N LEU B 135 15.12 -13.40 0.29
CA LEU B 135 16.30 -13.60 1.14
C LEU B 135 17.20 -12.35 1.20
N GLY B 136 17.07 -11.43 0.25
CA GLY B 136 17.83 -10.20 0.28
C GLY B 136 19.16 -10.24 -0.43
N VAL B 137 19.93 -9.16 -0.26
CA VAL B 137 21.27 -9.02 -0.86
C VAL B 137 22.29 -9.67 0.04
N GLY B 138 23.15 -10.48 -0.55
CA GLY B 138 24.28 -11.12 0.10
C GLY B 138 25.48 -11.09 -0.82
N LYS B 139 26.68 -11.08 -0.26
CA LYS B 139 27.91 -11.08 -1.07
C LYS B 139 28.38 -12.53 -1.13
N SER B 140 28.55 -13.09 -2.33
CA SER B 140 28.94 -14.48 -2.44
C SER B 140 29.70 -14.80 -3.71
N ALA B 141 30.61 -15.76 -3.61
CA ALA B 141 31.35 -16.30 -4.75
C ALA B 141 30.85 -17.72 -5.11
N SER B 142 29.83 -18.27 -4.42
CA SER B 142 29.34 -19.62 -4.69
C SER B 142 28.61 -19.70 -6.01
N HIS B 143 28.66 -20.87 -6.64
CA HIS B 143 27.95 -21.09 -7.90
C HIS B 143 26.45 -21.09 -7.61
N PRO B 144 25.60 -20.47 -8.46
CA PRO B 144 24.16 -20.50 -8.21
C PRO B 144 23.52 -21.89 -8.04
N GLN B 145 24.09 -22.96 -8.64
CA GLN B 145 23.54 -24.30 -8.46
C GLN B 145 23.76 -24.80 -7.02
N ASP B 146 24.86 -24.38 -6.36
CA ASP B 146 25.13 -24.75 -4.97
C ASP B 146 24.24 -23.96 -4.02
N LEU B 147 23.95 -22.69 -4.34
CA LEU B 147 23.00 -21.89 -3.55
C LEU B 147 21.60 -22.54 -3.65
N LEU B 148 21.18 -22.90 -4.86
CA LEU B 148 19.89 -23.55 -5.08
C LEU B 148 19.74 -24.90 -4.34
N GLU B 149 20.73 -25.81 -4.47
CA GLU B 149 20.66 -27.14 -3.87
C GLU B 149 20.63 -27.08 -2.34
N GLU B 150 21.44 -26.20 -1.76
CA GLU B 150 21.44 -26.04 -0.31
C GLU B 150 20.10 -25.47 0.15
N LEU B 151 19.57 -24.49 -0.59
CA LEU B 151 18.28 -23.89 -0.27
C LEU B 151 17.15 -24.92 -0.30
N CYS B 152 17.17 -25.83 -1.27
CA CYS B 152 16.14 -26.86 -1.37
C CYS B 152 16.25 -27.97 -0.33
N SER B 153 17.40 -28.10 0.35
CA SER B 153 17.58 -29.09 1.41
C SER B 153 17.09 -28.53 2.79
N LEU B 154 16.80 -27.21 2.91
CA LEU B 154 16.32 -26.64 4.17
C LEU B 154 14.85 -26.97 4.40
N LYS B 155 14.44 -27.03 5.68
CA LYS B 155 13.04 -27.27 6.05
C LYS B 155 12.44 -25.93 6.47
N VAL B 156 11.76 -25.25 5.52
CA VAL B 156 11.13 -23.95 5.75
C VAL B 156 9.63 -24.07 6.04
N THR B 157 9.20 -23.65 7.24
CA THR B 157 7.79 -23.65 7.62
C THR B 157 7.12 -22.35 7.16
N VAL B 158 5.81 -22.41 6.94
CA VAL B 158 5.01 -21.27 6.50
C VAL B 158 3.80 -21.11 7.42
N ARG B 159 3.54 -19.88 7.89
CA ARG B 159 2.38 -19.58 8.73
C ARG B 159 1.69 -18.35 8.22
N ARG B 160 0.37 -18.38 8.30
CA ARG B 160 -0.45 -17.26 7.94
C ARG B 160 -0.91 -16.66 9.27
N THR B 161 -0.53 -15.42 9.56
CA THR B 161 -0.92 -14.78 10.82
C THR B 161 -1.13 -13.25 10.56
N ALA B 162 -1.05 -12.38 11.60
CA ALA B 162 -1.28 -10.96 11.42
C ALA B 162 -0.50 -10.12 12.42
N GLY B 163 -0.16 -8.92 11.97
CA GLY B 163 0.40 -7.84 12.76
C GLY B 163 -0.56 -6.70 12.47
N SER B 164 -0.06 -5.57 11.95
CA SER B 164 -0.95 -4.50 11.48
C SER B 164 -1.77 -5.04 10.27
N THR B 165 -1.04 -5.69 9.35
CA THR B 165 -1.60 -6.29 8.14
C THR B 165 -1.46 -7.82 8.26
N GLU B 166 -2.09 -8.56 7.34
CA GLU B 166 -2.00 -9.99 7.28
C GLU B 166 -0.58 -10.35 6.87
N LYS B 167 -0.02 -11.37 7.51
CA LYS B 167 1.37 -11.75 7.26
C LYS B 167 1.56 -13.21 6.95
N ILE B 168 2.66 -13.47 6.23
CA ILE B 168 3.18 -14.80 5.94
C ILE B 168 4.50 -14.80 6.70
N VAL B 169 4.65 -15.76 7.62
CA VAL B 169 5.84 -15.91 8.43
C VAL B 169 6.58 -17.19 8.00
N PHE B 170 7.87 -17.06 7.66
CA PHE B 170 8.70 -18.19 7.28
C PHE B 170 9.57 -18.55 8.50
N GLY B 171 9.59 -19.84 8.85
CA GLY B 171 10.32 -20.29 10.03
C GLY B 171 11.82 -20.23 9.85
N SER B 172 12.58 -20.41 10.94
CA SER B 172 14.04 -20.40 10.86
C SER B 172 14.54 -21.73 10.25
N SER B 173 15.71 -21.69 9.62
CA SER B 173 16.30 -22.88 9.01
C SER B 173 17.83 -22.87 9.16
N GLY B 174 18.42 -24.06 9.09
CA GLY B 174 19.85 -24.26 9.20
C GLY B 174 20.19 -25.72 9.40
N PRO B 175 21.47 -26.11 9.28
CA PRO B 175 22.64 -25.23 9.15
C PRO B 175 22.89 -24.74 7.71
N LEU B 176 23.66 -23.64 7.60
CA LEU B 176 24.00 -23.05 6.32
C LEU B 176 25.52 -23.19 6.03
N ASN B 177 25.88 -23.11 4.75
CA ASN B 177 27.25 -23.17 4.28
C ASN B 177 27.37 -22.16 3.11
N HIS B 178 26.91 -22.50 1.89
CA HIS B 178 26.91 -21.55 0.78
C HIS B 178 25.92 -20.38 1.04
N LEU B 179 24.86 -20.60 1.84
CA LEU B 179 23.87 -19.59 2.17
C LEU B 179 24.20 -18.75 3.41
N VAL B 180 25.43 -18.84 3.97
CA VAL B 180 25.77 -18.04 5.17
C VAL B 180 25.65 -16.50 4.86
N PRO B 181 25.92 -15.97 3.63
CA PRO B 181 25.71 -14.52 3.40
C PRO B 181 24.27 -14.03 3.59
N TRP B 182 23.28 -14.94 3.55
CA TRP B 182 21.85 -14.62 3.77
C TRP B 182 21.38 -15.18 5.15
N LYS B 183 22.30 -15.48 6.09
CA LYS B 183 21.92 -16.02 7.40
C LYS B 183 21.00 -15.10 8.20
N LYS B 184 21.15 -13.75 8.09
CA LYS B 184 20.26 -12.83 8.83
C LYS B 184 18.77 -13.11 8.61
N VAL B 185 18.39 -13.43 7.38
CA VAL B 185 17.02 -13.78 7.04
C VAL B 185 16.72 -15.24 7.41
N LEU B 186 17.56 -16.20 6.95
CA LEU B 186 17.28 -17.62 7.13
C LEU B 186 17.38 -18.20 8.53
N THR B 187 18.28 -17.71 9.39
CA THR B 187 18.51 -18.31 10.71
C THR B 187 17.58 -17.87 11.81
N SER B 188 16.59 -17.02 11.50
CA SER B 188 15.54 -16.62 12.44
C SER B 188 14.24 -16.46 11.66
N GLY B 189 13.10 -16.41 12.35
CA GLY B 189 11.81 -16.24 11.69
C GLY B 189 11.74 -14.93 10.92
N SER B 190 11.00 -14.92 9.81
CA SER B 190 10.87 -13.75 8.94
C SER B 190 9.39 -13.43 8.73
N ILE B 191 8.99 -12.19 9.02
CA ILE B 191 7.59 -11.76 8.93
C ILE B 191 7.45 -10.82 7.72
N PHE B 192 6.66 -11.22 6.72
CA PHE B 192 6.45 -10.45 5.50
C PHE B 192 4.99 -10.02 5.35
N ASN B 193 4.76 -8.90 4.63
CA ASN B 193 3.42 -8.45 4.30
C ASN B 193 2.91 -9.44 3.26
N ALA B 194 1.91 -10.26 3.60
CA ALA B 194 1.38 -11.30 2.72
C ALA B 194 1.12 -10.84 1.28
N VAL B 195 0.63 -9.61 1.11
CA VAL B 195 0.32 -9.05 -0.21
C VAL B 195 1.55 -8.97 -1.14
N LYS B 196 2.75 -8.76 -0.58
CA LYS B 196 3.96 -8.64 -1.39
C LYS B 196 4.59 -9.98 -1.77
N VAL B 197 4.27 -11.07 -1.07
CA VAL B 197 4.89 -12.36 -1.33
C VAL B 197 3.90 -13.46 -1.71
N CYS B 198 2.61 -13.15 -1.83
CA CYS B 198 1.60 -14.15 -2.17
C CYS B 198 0.37 -13.45 -2.66
N ARG B 199 -0.26 -13.94 -3.73
CA ARG B 199 -1.48 -13.33 -4.22
C ARG B 199 -2.70 -13.80 -3.43
N ASN B 200 -2.79 -15.08 -3.02
CA ASN B 200 -3.97 -15.64 -2.36
C ASN B 200 -3.65 -16.25 -1.00
N VAL B 201 -3.26 -15.39 -0.04
CA VAL B 201 -2.93 -15.80 1.31
C VAL B 201 -4.11 -16.53 1.97
N ASP B 202 -5.36 -16.23 1.59
CA ASP B 202 -6.53 -16.89 2.17
C ASP B 202 -6.57 -18.41 1.86
N GLN B 203 -5.72 -18.90 0.94
CA GLN B 203 -5.61 -20.34 0.66
C GLN B 203 -4.72 -21.06 1.67
N ILE B 204 -3.83 -20.33 2.37
CA ILE B 204 -2.97 -20.93 3.37
C ILE B 204 -3.84 -21.27 4.58
N GLN B 205 -3.69 -22.48 5.11
CA GLN B 205 -4.50 -22.94 6.24
C GLN B 205 -4.10 -22.29 7.54
N LEU B 206 -5.08 -22.11 8.44
CA LEU B 206 -4.89 -21.62 9.80
C LEU B 206 -4.94 -22.78 10.81
N ASP B 207 -5.61 -23.92 10.47
CA ASP B 207 -5.76 -25.10 11.34
C ASP B 207 -4.76 -26.25 11.07
N LYS B 208 -3.85 -26.10 10.09
CA LYS B 208 -2.88 -27.15 9.75
C LYS B 208 -1.48 -26.56 9.63
N HIS B 209 -0.45 -27.39 9.86
CA HIS B 209 0.93 -26.94 9.68
C HIS B 209 1.21 -26.86 8.18
N GLN B 210 1.98 -25.83 7.76
CA GLN B 210 2.28 -25.62 6.34
C GLN B 210 3.81 -25.55 6.11
N ALA B 211 4.27 -25.96 4.94
CA ALA B 211 5.71 -25.93 4.61
C ALA B 211 5.94 -25.46 3.18
N LEU B 212 7.15 -24.96 2.89
CA LEU B 212 7.50 -24.44 1.58
C LEU B 212 8.41 -25.45 0.82
N ARG B 213 7.98 -25.88 -0.39
CA ARG B 213 8.73 -26.79 -1.24
C ARG B 213 9.19 -25.93 -2.40
N ILE B 214 10.45 -25.48 -2.36
CA ILE B 214 10.99 -24.52 -3.33
C ILE B 214 11.22 -25.11 -4.72
N PHE B 215 10.77 -24.41 -5.77
CA PHE B 215 10.94 -24.84 -7.16
C PHE B 215 11.76 -23.87 -8.01
N PHE B 216 11.96 -22.61 -7.57
CA PHE B 216 12.69 -21.65 -8.37
C PHE B 216 13.42 -20.65 -7.49
N LEU B 217 14.66 -20.27 -7.89
CA LEU B 217 15.45 -19.27 -7.16
C LEU B 217 15.76 -18.18 -8.15
N SER B 218 15.22 -16.98 -7.94
CA SER B 218 15.48 -15.86 -8.83
C SER B 218 16.65 -15.08 -8.25
N ILE B 219 17.62 -14.72 -9.09
CA ILE B 219 18.81 -14.00 -8.64
C ILE B 219 18.99 -12.75 -9.47
N THR B 220 19.25 -11.60 -8.84
CA THR B 220 19.52 -10.37 -9.59
C THR B 220 20.87 -9.89 -9.08
N LYS B 221 21.85 -9.70 -9.99
CA LYS B 221 23.19 -9.22 -9.63
C LYS B 221 23.14 -7.70 -9.41
N LEU B 222 23.77 -7.23 -8.34
CA LEU B 222 23.84 -5.80 -7.99
C LEU B 222 25.30 -5.31 -8.10
N ASN B 223 25.45 -3.99 -8.24
CA ASN B 223 26.75 -3.33 -8.26
C ASN B 223 26.71 -2.37 -7.08
N ASP B 224 27.60 -2.55 -6.09
CA ASP B 224 27.66 -1.64 -4.92
C ASP B 224 28.40 -0.36 -5.31
N GLY B 226 25.88 1.35 -7.64
CA GLY B 226 24.58 1.76 -8.11
C GLY B 226 23.67 2.27 -7.01
N ILE B 227 22.62 2.98 -7.39
CA ILE B 227 21.64 3.53 -6.46
C ILE B 227 20.43 2.59 -6.43
N TYR B 228 20.09 2.04 -5.27
CA TYR B 228 18.95 1.12 -5.15
C TYR B 228 17.96 1.76 -4.17
N MET B 229 16.69 1.94 -4.61
CA MET B 229 15.66 2.68 -3.88
C MET B 229 14.48 1.86 -3.36
N ILE B 230 14.08 2.17 -2.12
CA ILE B 230 12.87 1.71 -1.45
C ILE B 230 12.18 2.98 -0.92
N PRO B 231 10.88 2.95 -0.58
CA PRO B 231 10.22 4.18 -0.13
C PRO B 231 10.97 4.97 0.96
N ARG B 232 11.51 4.32 2.02
CA ARG B 232 12.23 5.06 3.07
C ARG B 232 13.53 5.71 2.60
N THR B 233 14.18 5.24 1.52
CA THR B 233 15.41 5.86 1.02
C THR B 233 15.15 6.89 -0.10
N MET B 234 13.88 7.12 -0.48
CA MET B 234 13.54 8.08 -1.53
C MET B 234 13.85 9.49 -1.07
N LEU B 235 14.33 10.33 -1.99
CA LEU B 235 14.62 11.72 -1.64
C LEU B 235 13.36 12.60 -1.81
N GLU B 236 13.40 13.78 -1.16
CA GLU B 236 12.35 14.80 -1.22
C GLU B 236 12.06 15.16 -2.68
N PHE B 237 10.79 15.14 -3.07
CA PHE B 237 10.37 15.47 -4.44
C PHE B 237 9.85 16.91 -4.56
N ARG B 238 9.52 17.59 -3.44
CA ARG B 238 9.02 18.96 -3.50
C ARG B 238 10.16 19.97 -3.78
N ARG B 239 9.85 21.00 -4.56
CA ARG B 239 10.79 22.08 -4.92
C ARG B 239 9.96 23.29 -5.41
N ASN B 240 10.39 24.52 -5.11
CA ASN B 240 9.57 25.69 -5.38
C ASN B 240 9.59 26.25 -6.83
N ASN B 241 10.75 26.40 -7.44
CA ASN B 241 10.86 27.02 -8.76
C ASN B 241 11.58 26.05 -9.65
N ALA B 242 10.89 24.94 -10.03
CA ALA B 242 11.57 23.88 -10.76
C ALA B 242 10.60 23.08 -11.65
N ILE B 243 11.15 22.28 -12.58
CA ILE B 243 10.39 21.39 -13.46
C ILE B 243 10.67 19.97 -12.99
N ALA B 244 9.64 19.23 -12.62
CA ALA B 244 9.76 17.84 -12.20
C ALA B 244 9.94 16.95 -13.43
N PHE B 245 10.90 16.01 -13.37
CA PHE B 245 11.11 14.99 -14.38
C PHE B 245 10.44 13.74 -13.83
N ASN B 246 9.20 13.50 -14.25
CA ASN B 246 8.44 12.31 -13.83
C ASN B 246 8.48 11.28 -14.95
N LEU B 247 8.33 10.01 -14.60
CA LEU B 247 8.42 8.92 -15.55
C LEU B 247 7.17 8.07 -15.45
N LEU B 248 6.49 7.90 -16.59
CA LEU B 248 5.29 7.10 -16.67
C LEU B 248 5.68 5.79 -17.36
N VAL B 249 5.51 4.65 -16.68
CA VAL B 249 5.90 3.36 -17.23
C VAL B 249 4.68 2.47 -17.39
N TYR B 250 4.58 1.77 -18.52
CA TYR B 250 3.48 0.84 -18.79
C TYR B 250 4.03 -0.56 -18.86
N LEU B 251 3.37 -1.50 -18.19
CA LEU B 251 3.75 -2.89 -18.17
C LEU B 251 2.64 -3.71 -18.83
N LYS B 252 2.99 -4.54 -19.83
CA LYS B 252 2.08 -5.48 -20.48
C LYS B 252 2.28 -6.80 -19.73
N ILE B 253 1.20 -7.38 -19.23
CA ILE B 253 1.22 -8.62 -18.45
C ILE B 253 0.44 -9.66 -19.24
N ASP B 254 1.00 -10.86 -19.47
CA ASP B 254 0.33 -11.87 -20.30
C ASP B 254 -1.12 -12.17 -19.86
N PHE B 271 -4.05 -9.31 -23.29
CA PHE B 271 -3.05 -8.88 -22.32
C PHE B 271 -3.59 -7.74 -21.45
N LYS B 272 -3.16 -7.72 -20.19
CA LYS B 272 -3.54 -6.72 -19.19
C LYS B 272 -2.43 -5.67 -19.14
N VAL B 273 -2.76 -4.37 -19.13
CA VAL B 273 -1.74 -3.31 -19.08
C VAL B 273 -1.89 -2.49 -17.81
N ALA B 274 -0.84 -2.41 -16.99
CA ALA B 274 -0.81 -1.60 -15.77
C ALA B 274 0.19 -0.47 -15.99
N SER B 275 -0.01 0.67 -15.34
CA SER B 275 0.92 1.79 -15.45
C SER B 275 1.14 2.43 -14.09
N PHE B 276 2.30 3.07 -13.94
CA PHE B 276 2.66 3.75 -12.70
C PHE B 276 3.57 4.91 -13.05
N MET B 277 3.59 5.91 -12.18
CA MET B 277 4.44 7.08 -12.38
C MET B 277 5.39 7.20 -11.18
N LEU B 278 6.61 7.71 -11.44
CA LEU B 278 7.57 7.93 -10.39
C LEU B 278 8.38 9.17 -10.65
N HIS B 279 8.82 9.81 -9.58
CA HIS B 279 9.57 11.04 -9.66
C HIS B 279 11.04 10.70 -9.74
N LEU B 280 11.73 11.20 -10.78
CA LEU B 280 13.16 10.95 -10.93
C LEU B 280 13.96 12.08 -10.30
N GLY B 281 13.55 13.31 -10.55
CA GLY B 281 14.22 14.47 -9.99
C GLY B 281 13.60 15.77 -10.48
N ASN B 282 14.24 16.91 -10.16
CA ASN B 282 13.75 18.23 -10.57
C ASN B 282 14.88 18.99 -11.28
N PHE B 283 14.57 19.66 -12.39
CA PHE B 283 15.51 20.52 -13.10
C PHE B 283 15.29 21.90 -12.49
N VAL B 284 16.16 22.32 -11.58
CA VAL B 284 15.96 23.59 -10.86
C VAL B 284 16.25 24.78 -11.77
N ARG B 285 15.38 25.81 -11.72
CA ARG B 285 15.49 27.02 -12.53
C ARG B 285 16.49 27.99 -11.90
N TYR B 291 14.82 27.79 -17.95
CA TYR B 291 14.82 26.46 -18.54
C TYR B 291 13.41 26.05 -18.97
N SER B 292 13.16 25.93 -20.28
CA SER B 292 11.85 25.53 -20.82
C SER B 292 11.62 24.01 -20.75
N VAL B 293 10.39 23.55 -20.96
CA VAL B 293 10.09 22.11 -20.99
C VAL B 293 10.80 21.45 -22.19
N ASP B 294 10.89 22.15 -23.34
CA ASP B 294 11.57 21.64 -24.54
C ASP B 294 13.09 21.47 -24.30
N TYR B 295 13.73 22.45 -23.61
CA TYR B 295 15.14 22.41 -23.24
C TYR B 295 15.40 21.17 -22.37
N CYS B 296 14.52 20.92 -21.41
CA CYS B 296 14.59 19.76 -20.51
C CYS B 296 14.50 18.47 -21.32
N ARG B 297 13.63 18.44 -22.36
CA ARG B 297 13.46 17.28 -23.24
C ARG B 297 14.77 16.99 -23.99
N ARG B 298 15.42 18.02 -24.54
CA ARG B 298 16.71 17.86 -25.23
C ARG B 298 17.77 17.32 -24.26
N LYS B 299 17.75 17.75 -22.99
CA LYS B 299 18.68 17.25 -21.99
C LYS B 299 18.39 15.77 -21.71
N ILE B 300 17.12 15.36 -21.67
CA ILE B 300 16.76 13.97 -21.46
C ILE B 300 17.17 13.09 -22.66
N ASP B 301 17.07 13.61 -23.91
CA ASP B 301 17.49 12.85 -25.09
C ASP B 301 18.98 12.57 -25.04
N ARG B 302 19.78 13.58 -24.67
CA ARG B 302 21.23 13.42 -24.53
C ARG B 302 21.60 12.42 -23.44
N MET B 303 20.74 12.19 -22.44
CA MET B 303 21.02 11.20 -21.40
C MET B 303 21.05 9.79 -21.96
N LYS B 304 20.31 9.50 -23.05
CA LYS B 304 20.25 8.18 -23.67
C LYS B 304 19.90 7.10 -22.63
N LEU B 305 18.78 7.30 -21.96
CA LEU B 305 18.35 6.39 -20.90
C LEU B 305 17.94 5.03 -21.48
N GLN B 306 18.21 3.98 -20.71
CA GLN B 306 17.85 2.62 -21.07
C GLN B 306 17.08 2.07 -19.86
N PHE B 307 16.01 1.33 -20.13
CA PHE B 307 15.12 0.81 -19.11
C PHE B 307 15.05 -0.69 -19.20
N SER B 308 15.18 -1.36 -18.06
CA SER B 308 15.08 -2.80 -18.02
C SER B 308 14.44 -3.26 -16.72
N LEU B 309 14.00 -4.52 -16.70
CA LEU B 309 13.37 -5.10 -15.52
C LEU B 309 14.31 -6.12 -14.89
N GLY B 310 14.20 -6.26 -13.59
CA GLY B 310 14.91 -7.22 -12.77
C GLY B 310 13.93 -7.93 -11.84
N SER B 311 14.44 -8.75 -10.94
CA SER B 311 13.59 -9.50 -10.01
C SER B 311 13.84 -9.10 -8.57
N ILE B 312 14.37 -7.87 -8.30
CA ILE B 312 14.56 -7.42 -6.93
C ILE B 312 13.14 -7.23 -6.33
N GLY B 313 12.88 -7.89 -5.22
CA GLY B 313 11.58 -7.93 -4.59
C GLY B 313 10.50 -8.66 -5.39
N GLY B 314 10.89 -9.34 -6.46
CA GLY B 314 9.96 -9.98 -7.37
C GLY B 314 9.80 -9.20 -8.67
N LEU B 315 10.11 -7.89 -8.66
CA LEU B 315 9.98 -7.05 -9.84
C LEU B 315 10.65 -5.71 -9.56
N SER B 316 11.61 -5.33 -10.37
CA SER B 316 12.28 -4.05 -10.20
C SER B 316 12.51 -3.36 -11.52
N LEU B 317 12.63 -2.03 -11.49
CA LEU B 317 12.88 -1.23 -12.67
C LEU B 317 14.30 -0.70 -12.54
N HIS B 318 15.09 -0.87 -13.61
CA HIS B 318 16.48 -0.44 -13.68
C HIS B 318 16.62 0.58 -14.81
N ILE B 319 17.26 1.72 -14.54
CA ILE B 319 17.50 2.80 -15.49
C ILE B 319 19.02 2.98 -15.60
N LYS B 320 19.54 3.06 -16.83
CA LYS B 320 20.96 3.26 -17.06
C LYS B 320 21.14 4.48 -17.95
N ILE B 321 22.04 5.39 -17.57
CA ILE B 321 22.34 6.57 -18.36
C ILE B 321 23.49 6.18 -19.29
N ASN B 322 23.22 6.03 -20.60
CA ASN B 322 24.31 5.68 -21.56
C ASN B 322 24.92 6.91 -22.27
N GLY B 323 24.33 8.09 -22.09
CA GLY B 323 24.76 9.34 -22.70
C GLY B 323 25.37 10.29 -21.70
N VAL B 324 25.02 11.59 -21.80
CA VAL B 324 25.59 12.61 -20.92
C VAL B 324 24.54 13.27 -20.02
N ILE B 325 25.01 13.80 -18.90
CA ILE B 325 24.20 14.51 -17.92
C ILE B 325 24.87 15.85 -17.56
N SER B 326 24.23 16.68 -16.72
CA SER B 326 24.72 18.01 -16.37
C SER B 326 25.90 17.90 -15.41
N LYS B 327 26.66 19.01 -15.27
CA LYS B 327 27.79 19.10 -14.35
C LYS B 327 27.30 18.93 -12.91
N ARG B 328 26.15 19.52 -12.56
CA ARG B 328 25.58 19.43 -11.21
C ARG B 328 25.10 18.02 -10.87
N LEU B 329 24.40 17.34 -11.80
CA LEU B 329 23.94 15.96 -11.59
C LEU B 329 25.11 14.97 -11.58
N PHE B 330 26.16 15.28 -12.36
CA PHE B 330 27.40 14.50 -12.44
C PHE B 330 28.17 14.59 -11.13
N ALA B 331 28.19 15.75 -10.47
CA ALA B 331 28.84 15.93 -9.17
C ALA B 331 28.06 15.19 -8.09
N GLN B 332 26.72 15.22 -8.17
CA GLN B 332 25.88 14.51 -7.21
C GLN B 332 26.07 12.98 -7.31
N MET B 333 26.19 12.46 -8.54
CA MET B 333 26.26 11.01 -8.83
C MET B 333 27.66 10.40 -9.00
N GLY B 334 28.59 11.15 -9.57
CA GLY B 334 29.96 10.69 -9.79
C GLY B 334 30.02 9.51 -10.75
N PHE B 335 30.51 8.36 -10.28
CA PHE B 335 30.58 7.15 -11.08
C PHE B 335 29.20 6.51 -11.32
N GLN B 336 28.18 6.85 -10.50
CA GLN B 336 26.85 6.26 -10.65
C GLN B 336 26.16 6.65 -11.95
N LYS B 337 25.76 5.64 -12.74
CA LYS B 337 25.00 5.74 -13.98
C LYS B 337 23.69 4.90 -13.91
N ASN B 338 23.44 4.18 -12.81
CA ASN B 338 22.32 3.28 -12.70
C ASN B 338 21.47 3.62 -11.51
N LEU B 339 20.15 3.55 -11.71
CA LEU B 339 19.11 3.78 -10.71
C LEU B 339 18.28 2.54 -10.72
N CYS B 340 17.93 2.03 -9.55
CA CYS B 340 17.03 0.88 -9.48
C CYS B 340 15.95 1.15 -8.43
N PHE B 341 14.71 0.73 -8.73
CA PHE B 341 13.56 0.90 -7.87
C PHE B 341 12.93 -0.45 -7.56
N SER B 342 12.68 -0.75 -6.27
CA SER B 342 12.01 -1.98 -5.88
C SER B 342 10.49 -1.74 -6.10
N LEU B 343 9.95 -2.19 -7.26
CA LEU B 343 8.57 -1.91 -7.61
C LEU B 343 7.51 -2.55 -6.69
N MET B 344 7.74 -3.71 -6.08
CA MET B 344 6.75 -4.28 -5.15
C MET B 344 6.73 -3.53 -3.82
N ASP B 345 7.80 -2.80 -3.46
CA ASP B 345 7.80 -2.02 -2.23
C ASP B 345 7.15 -0.64 -2.46
N ILE B 346 7.31 -0.06 -3.66
CA ILE B 346 6.72 1.22 -4.00
C ILE B 346 5.25 1.06 -4.38
N ASN B 347 4.95 0.04 -5.21
CA ASN B 347 3.61 -0.20 -5.74
C ASN B 347 3.21 -1.66 -5.45
N PRO B 348 2.97 -2.02 -4.18
CA PRO B 348 2.65 -3.42 -3.86
C PRO B 348 1.47 -3.99 -4.63
N TRP B 349 0.56 -3.12 -5.10
CA TRP B 349 -0.60 -3.51 -5.91
C TRP B 349 -0.18 -4.22 -7.23
N LEU B 350 1.05 -4.01 -7.70
CA LEU B 350 1.54 -4.69 -8.91
C LEU B 350 1.59 -6.22 -8.74
N ASN B 351 1.89 -6.73 -7.52
CA ASN B 351 2.00 -8.17 -7.32
C ASN B 351 0.74 -8.94 -7.67
N ARG B 352 -0.44 -8.40 -7.35
CA ARG B 352 -1.71 -9.06 -7.65
CA ARG B 352 -1.71 -9.06 -7.66
C ARG B 352 -1.87 -9.26 -9.17
N LEU B 353 -1.34 -8.31 -9.99
CA LEU B 353 -1.40 -8.31 -11.44
C LEU B 353 -0.33 -9.21 -12.09
N THR B 354 0.95 -9.05 -11.70
CA THR B 354 2.05 -9.80 -12.33
C THR B 354 2.21 -11.23 -11.77
N TRP B 355 1.65 -11.55 -10.60
CA TRP B 355 1.79 -12.89 -10.01
C TRP B 355 1.52 -14.04 -10.96
N ASN B 356 2.49 -14.99 -11.07
CA ASN B 356 2.36 -16.16 -11.91
C ASN B 356 2.22 -15.79 -13.40
N ASN B 357 2.71 -14.61 -13.81
CA ASN B 357 2.63 -14.13 -15.19
C ASN B 357 3.94 -13.52 -15.60
N SER B 358 4.16 -13.44 -16.92
CA SER B 358 5.31 -12.77 -17.47
C SER B 358 4.97 -11.26 -17.46
N CYS B 359 5.99 -10.44 -17.43
CA CYS B 359 5.83 -9.01 -17.32
C CYS B 359 6.79 -8.33 -18.30
N GLU B 360 6.34 -7.27 -19.01
CA GLU B 360 7.24 -6.58 -19.94
C GLU B 360 6.93 -5.10 -20.09
N ILE B 361 7.98 -4.27 -20.25
CA ILE B 361 7.81 -2.84 -20.47
C ILE B 361 7.22 -2.68 -21.88
N SER B 362 6.10 -1.98 -21.99
CA SER B 362 5.44 -1.75 -23.28
C SER B 362 5.48 -0.28 -23.70
N ARG B 363 5.70 0.66 -22.76
CA ARG B 363 5.82 2.07 -23.10
C ARG B 363 6.47 2.81 -21.91
N VAL B 364 7.30 3.84 -22.21
CA VAL B 364 7.96 4.67 -21.18
C VAL B 364 7.89 6.09 -21.69
N ALA B 365 7.36 7.01 -20.86
CA ALA B 365 7.27 8.40 -21.27
C ALA B 365 7.76 9.31 -20.18
N ALA B 366 8.42 10.40 -20.60
CA ALA B 366 8.86 11.45 -19.70
C ALA B 366 7.62 12.35 -19.50
N VAL B 367 7.33 12.72 -18.26
CA VAL B 367 6.20 13.58 -17.95
C VAL B 367 6.78 14.80 -17.22
N LEU B 368 7.04 15.87 -17.97
CA LEU B 368 7.62 17.08 -17.42
C LEU B 368 6.52 18.04 -16.94
N GLN B 369 6.48 18.28 -15.62
CA GLN B 369 5.45 19.08 -14.99
C GLN B 369 6.08 20.12 -14.07
N PRO B 370 5.36 21.20 -13.68
CA PRO B 370 5.90 22.09 -12.64
C PRO B 370 6.09 21.29 -11.34
N SER B 371 7.18 21.53 -10.60
CA SER B 371 7.44 20.78 -9.38
C SER B 371 6.40 21.09 -8.31
N ILE B 372 6.16 20.14 -7.41
CA ILE B 372 5.19 20.34 -6.34
C ILE B 372 5.84 21.30 -5.33
N PRO B 373 5.24 22.46 -4.98
CA PRO B 373 5.91 23.37 -4.04
C PRO B 373 6.14 22.78 -2.64
N ARG B 374 7.19 23.27 -1.96
CA ARG B 374 7.57 22.87 -0.62
C ARG B 374 6.49 23.15 0.41
N GLU B 375 5.61 24.16 0.17
CA GLU B 375 4.52 24.54 1.08
C GLU B 375 3.38 23.52 1.09
N PHE B 376 3.24 22.69 0.04
CA PHE B 376 2.19 21.68 -0.02
C PHE B 376 2.44 20.60 1.05
N MET B 377 1.39 20.06 1.65
CA MET B 377 1.51 19.05 2.70
C MET B 377 1.36 17.66 2.14
N ILE B 378 2.22 16.73 2.61
CA ILE B 378 2.16 15.32 2.23
C ILE B 378 1.24 14.60 3.20
N TYR B 379 0.23 13.90 2.68
CA TYR B 379 -0.68 13.12 3.50
C TYR B 379 -0.63 11.68 3.01
N ASP B 380 0.33 10.92 3.51
CA ASP B 380 0.48 9.51 3.14
C ASP B 380 -0.72 8.69 3.65
N ASP B 381 -1.27 9.09 4.83
CA ASP B 381 -2.46 8.47 5.41
C ASP B 381 -3.67 9.38 5.14
N VAL B 382 -4.76 8.80 4.64
CA VAL B 382 -6.02 9.51 4.42
C VAL B 382 -6.74 9.84 5.74
N PHE B 383 -6.44 9.12 6.83
CA PHE B 383 -6.99 9.45 8.14
C PHE B 383 -6.12 10.56 8.73
N ILE B 384 -6.49 11.81 8.44
CA ILE B 384 -5.79 13.00 8.93
C ILE B 384 -6.45 13.49 10.22
N ASP B 385 -5.67 14.01 11.16
CA ASP B 385 -6.22 14.59 12.39
C ASP B 385 -5.68 16.02 12.50
N ASN B 386 -6.53 17.01 12.20
CA ASN B 386 -6.15 18.41 12.27
C ASN B 386 -6.10 18.92 13.73
N THR B 387 -6.78 18.25 14.67
CA THR B 387 -6.73 18.64 16.10
C THR B 387 -5.45 17.98 16.70
N GLY B 388 -5.17 18.03 17.99
CA GLY B 388 -4.04 17.23 18.52
C GLY B 388 -4.49 15.98 19.26
N ARG B 389 -5.81 15.76 19.36
CA ARG B 389 -6.45 14.84 20.26
C ARG B 389 -6.67 13.42 19.84
N ILE B 390 -6.74 13.12 18.54
CA ILE B 390 -7.06 11.76 18.12
C ILE B 390 -5.80 10.93 17.82
N LEU B 391 -4.82 11.52 17.09
CA LEU B 391 -3.57 10.85 16.72
C LEU B 391 -2.38 11.68 17.22
N LYS B 392 -1.36 11.02 17.78
CA LYS B 392 -0.17 11.74 18.26
C LYS B 392 0.74 12.09 17.07
N GLY B 393 1.44 13.21 17.20
CA GLY B 393 2.39 13.77 16.23
C GLY B 393 2.30 13.30 14.79
C1 PIO C . 1.98 -5.88 26.22
O1 PIO C . 1.32 -6.23 24.99
P1 PIO C . 0.41 -7.55 24.75
C2 PIO C . 1.03 -5.05 27.05
O2 PIO C . 0.59 -3.90 26.33
C3 PIO C . 1.70 -4.62 28.36
O3 PIO C . 0.80 -3.83 29.13
C4 PIO C . 2.98 -3.85 28.05
O4 PIO C . 3.64 -3.51 29.29
P4 PIO C . 4.15 -4.35 30.57
C5 PIO C . 3.91 -4.68 27.19
O5 PIO C . 5.09 -3.91 26.90
P5 PIO C . 6.64 -4.33 26.95
C6 PIO C . 3.25 -5.09 25.88
O6 PIO C . 4.15 -5.91 25.13
O11 PIO C . 0.87 -8.09 23.39
O12 PIO C . 0.49 -8.51 25.88
O13 PIO C . -1.08 -6.98 24.55
C1A PIO C . -4.97 -8.37 25.16
O1A PIO C . -5.01 -8.31 26.36
C1B PIO C . -4.48 -3.82 22.83
O1B PIO C . -3.54 -3.54 22.13
C1C PIO C . -2.14 -7.12 25.52
C2A PIO C . -5.70 -9.38 24.33
C2B PIO C . -5.84 -3.16 22.76
C2C PIO C . -3.42 -6.52 25.02
O2C PIO C . -4.23 -7.56 24.38
C3A PIO C . -7.21 -9.17 24.34
C3B PIO C . -5.78 -1.66 22.59
C3C PIO C . -3.21 -5.47 23.97
O3C PIO C . -4.46 -4.77 23.77
O41 PIO C . 3.12 -4.12 31.68
O42 PIO C . 4.30 -5.79 30.21
O43 PIO C . 5.47 -3.69 30.99
C4A PIO C . -7.67 -8.06 23.40
C4B PIO C . -5.09 -0.93 23.74
O51 PIO C . 7.03 -4.70 25.51
O52 PIO C . 7.42 -3.06 27.35
O53 PIO C . 6.84 -5.46 27.90
C5A PIO C . -9.18 -7.93 23.33
C5B PIO C . -3.75 -0.33 23.38
C6A PIO C . -9.70 -7.01 22.23
C6B PIO C . -3.82 1.06 22.79
C7A PIO C . -9.51 -5.53 22.51
C7B PIO C . -4.10 2.17 23.80
C8A PIO C . -10.52 -4.68 21.78
C8B PIO C . -3.82 3.56 23.26
H1 PIO C . 2.25 -6.78 26.76
H2 PIO C . 0.16 -5.66 27.30
H3 PIO C . 1.94 -5.52 28.92
H4 PIO C . 2.74 -2.91 27.54
H5 PIO C . 4.22 -5.57 27.75
H6 PIO C . 3.00 -4.20 25.32
H1C PIO C . -1.82 -6.64 26.44
H1CA PIO C . -2.21 -8.19 25.74
H3C PIO C . -2.88 -5.92 23.04
H3CA PIO C . -2.44 -4.74 24.26
H2A PIO C . -5.46 -10.37 24.71
H3A PIO C . -7.55 -8.97 25.35
H4A PIO C . -7.27 -8.24 22.39
H5A PIO C . -9.56 -7.60 24.29
H6A PIO C . -10.76 -7.20 22.07
H7A PIO C . -8.50 -5.23 22.23
H8A PIO C . -10.34 -3.62 21.96
H2AA PIO C . -5.33 -9.37 23.31
H3AA PIO C . -7.70 -10.10 24.07
H4AA PIO C . -7.22 -7.11 23.70
H5AA PIO C . -9.62 -8.91 23.20
H6AA PIO C . -9.24 -7.27 21.28
H7AA PIO C . -9.58 -5.34 23.58
H8AA PIO C . -11.54 -4.89 22.07
H8AB PIO C . -10.47 -4.82 20.69
H2B PIO C . -6.35 -3.42 23.68
H3B PIO C . -6.79 -1.27 22.47
H4B PIO C . -4.98 -1.61 24.59
H5B PIO C . -3.24 -0.99 22.69
H6B PIO C . -4.58 1.08 22.01
H7B PIO C . -3.51 2.00 24.70
H8B PIO C . -4.02 4.33 23.99
H2BA PIO C . -6.44 -3.60 21.97
H3BA PIO C . -5.29 -1.41 21.65
H4BA PIO C . -5.75 -0.15 24.11
H5BA PIO C . -3.09 -0.31 24.25
H6BA PIO C . -2.90 1.29 22.26
H7BA PIO C . -5.13 2.11 24.13
H8BA PIO C . -4.45 3.78 22.39
H8BB PIO C . -2.79 3.68 22.94
H2C PIO C . -3.97 -6.06 25.85
HO2 PIO C . 0.56 -4.16 25.37
HO3 PIO C . 1.32 -3.10 29.58
HO6 PIO C . 5.04 -5.49 25.24
H41 PIO C . 2.15 -3.93 31.59
H43 PIO C . 5.67 -3.25 31.86
H51 PIO C . 7.56 -5.48 25.23
H52 PIO C . 8.37 -3.09 27.65
H11 PIO C . 0.63 -7.71 22.51
S SO4 D . -10.34 14.13 -25.14
O1 SO4 D . -8.92 14.50 -25.14
O2 SO4 D . -11.12 15.19 -24.50
O3 SO4 D . -10.80 13.96 -26.52
O4 SO4 D . -10.52 12.88 -24.42
S SO4 E . -22.06 2.32 18.60
O1 SO4 E . -21.14 3.04 19.48
O2 SO4 E . -22.82 3.27 17.79
O3 SO4 E . -22.98 1.53 19.42
O4 SO4 E . -21.30 1.43 17.73
C1 PIO F . 17.87 16.92 -4.83
O1 PIO F . 17.37 17.80 -5.86
P1 PIO F . 16.07 17.61 -6.83
C2 PIO F . 16.75 16.64 -3.82
O2 PIO F . 16.19 17.86 -3.33
C3 PIO F . 17.27 15.80 -2.68
O3 PIO F . 16.22 15.55 -1.74
C4 PIO F . 18.45 16.48 -2.01
O4 PIO F . 18.93 15.66 -0.92
P4 PIO F . 18.84 15.80 0.69
C5 PIO F . 19.56 16.73 -3.01
O5 PIO F . 20.65 17.41 -2.36
P5 PIO F . 21.97 16.89 -1.56
C6 PIO F . 19.07 17.58 -4.17
O6 PIO F . 20.12 17.76 -5.12
O11 PIO F . 15.31 16.34 -6.42
O12 PIO F . 15.25 18.83 -6.76
O13 PIO F . 16.64 17.33 -8.32
C1A PIO F . 17.78 16.37 -11.70
O1A PIO F . 18.81 16.97 -11.80
C1B PIO F . 18.01 12.33 -8.52
O1B PIO F . 17.27 12.23 -7.59
C1C PIO F . 18.02 17.17 -8.71
C2A PIO F . 16.79 16.18 -12.81
C2B PIO F . 18.82 11.18 -9.09
C2C PIO F . 18.22 15.83 -9.40
O2C PIO F . 17.36 15.77 -10.58
C3A PIO F . 17.21 15.13 -13.83
C3B PIO F . 19.41 10.27 -8.02
C3C PIO F . 17.81 14.69 -8.52
O3C PIO F . 18.25 13.46 -9.17
O41 PIO F . 17.58 15.00 1.10
O42 PIO F . 18.79 17.24 1.11
O43 PIO F . 20.10 15.07 1.25
C4A PIO F . 17.25 13.72 -13.28
C4B PIO F . 20.43 10.97 -7.11
O51 PIO F . 21.65 15.49 -0.99
O52 PIO F . 23.06 16.74 -2.62
O53 PIO F . 22.33 17.87 -0.48
C5A PIO F . 17.66 12.70 -14.31
C5B PIO F . 20.91 10.16 -5.90
C6A PIO F . 17.84 11.30 -13.76
C6B PIO F . 19.79 9.62 -5.01
C7A PIO F . 17.97 10.26 -14.85
C7B PIO F . 20.20 9.40 -3.57
C8A PIO F . 18.22 8.89 -14.32
C8B PIO F . 21.28 8.35 -3.40
H1 PIO F . 18.16 15.98 -5.29
H2 PIO F . 15.97 16.08 -4.32
H3 PIO F . 17.59 14.83 -3.07
H4 PIO F . 18.13 17.43 -1.57
H5 PIO F . 19.94 15.77 -3.38
H6 PIO F . 18.77 18.55 -3.78
H1C PIO F . 18.66 17.25 -7.84
H1CA PIO F . 18.27 18.01 -9.36
H3C PIO F . 16.72 14.66 -8.40
H3CA PIO F . 18.25 14.75 -7.53
H2A PIO F . 16.62 17.15 -13.30
H3A PIO F . 18.20 15.40 -14.23
H4A PIO F . 16.28 13.46 -12.87
H5A PIO F . 18.57 13.02 -14.80
H6A PIO F . 17.01 11.04 -13.11
H7A PIO F . 18.77 10.54 -15.54
H8A PIO F . 18.30 8.16 -15.12
H2AA PIO F . 15.81 15.92 -12.40
H3AA PIO F . 16.56 15.20 -14.69
H4AA PIO F . 17.93 13.67 -12.43
H5AA PIO F . 16.92 12.67 -15.11
H6AA PIO F . 18.72 11.27 -13.12
H7AA PIO F . 17.07 10.26 -15.46
H8AA PIO F . 17.43 8.55 -13.65
H8AB PIO F . 19.15 8.84 -13.75
H2B PIO F . 19.61 11.62 -9.69
H3B PIO F . 19.87 9.41 -8.50
H4B PIO F . 20.02 11.91 -6.75
H5B PIO F . 21.57 10.78 -5.31
H6B PIO F . 19.41 8.70 -5.44
H7B PIO F . 19.34 9.12 -2.98
H8B PIO F . 21.50 8.14 -2.35
H2BA PIO F . 18.23 10.60 -9.80
H3BA PIO F . 18.60 9.85 -7.43
H4BA PIO F . 21.29 11.26 -7.70
H5BA PIO F . 21.56 9.35 -6.24
H6BA PIO F . 18.95 10.30 -5.04
H7BA PIO F . 20.54 10.33 -3.14
H8BA PIO F . 22.22 8.65 -3.86
H8BB PIO F . 21.00 7.39 -3.84
H2C PIO F . 19.26 15.72 -9.66
HO2 PIO F . 16.34 18.55 -4.04
HO3 PIO F . 15.88 16.43 -1.41
HO6 PIO F . 20.95 17.84 -4.59
H41 PIO F . 17.15 14.94 1.99
H43 PIO F . 21.04 15.27 1.05
H51 PIO F . 20.76 15.06 -0.94
H52 PIO F . 23.79 16.06 -2.56
H11 PIO F . 14.61 15.88 -6.94
S SO4 G . -9.19 -29.69 2.26
O1 SO4 G . -8.98 -28.59 3.21
O2 SO4 G . -8.68 -29.33 0.93
O3 SO4 G . -8.50 -30.89 2.74
O4 SO4 G . -10.63 -29.95 2.16
S SO4 H . 25.91 21.65 -18.06
O1 SO4 H . 26.06 21.53 -16.61
O2 SO4 H . 27.24 21.66 -18.68
O3 SO4 H . 25.22 22.88 -18.39
O4 SO4 H . 25.14 20.51 -18.57
#